data_5E25
#
_entry.id   5E25
#
_cell.length_a   117.310
_cell.length_b   117.310
_cell.length_c   135.310
_cell.angle_alpha   90.000
_cell.angle_beta   90.000
_cell.angle_gamma   120.000
#
_symmetry.space_group_name_H-M   'P 32 2 1'
#
loop_
_entity.id
_entity.type
_entity.pdbx_description
1 polymer 'branched-chain aminotransferase'
2 non-polymer "PYRIDOXAL-5'-PHOSPHATE"
3 non-polymer '2-OXOGLUTARIC ACID'
4 water water
#
_entity_poly.entity_id   1
_entity_poly.type   'polypeptide(L)'
_entity_poly.pdbx_seq_one_letter_code
;SELLVYMNGEFVPESQAKVSVFDHGFLYGDGVFEGIRAYNGKVFKLYEHIDRLYDCARVIDLKIPLSKEEFAEAILETLR
RNNLRDAYIRPIVTRGAGDLGLDPRKCPSPNVIIITKPWGKLYGDLYEKGLKAITVAIRRNAIDSLPPNIKSLNYLNNIL
AKIEANAKGGDEAIFLDHNGYISEGSGDNIFIVKNGTITTPPTLNNLKGITRQVVIELINELEIPFREANIGLFDLYSAD
EIFVTGTAAEIAPVTYIDGRTVGNGKPGKVTKMLMEKFRERTENEGVEIYR
;
_entity_poly.pdbx_strand_id   A,B,C
#
loop_
_chem_comp.id
_chem_comp.type
_chem_comp.name
_chem_comp.formula
AKG non-polymer '2-OXOGLUTARIC ACID' 'C5 H6 O5'
PLP non-polymer PYRIDOXAL-5'-PHOSPHATE 'C8 H10 N O6 P'
#
# COMPACT_ATOMS: atom_id res chain seq x y z
N SER A 1 38.90 -20.97 6.62
CA SER A 1 38.29 -20.52 5.33
C SER A 1 37.17 -19.47 5.49
N GLU A 2 37.13 -18.49 4.57
CA GLU A 2 36.10 -17.42 4.61
C GLU A 2 34.83 -17.71 3.81
N LEU A 3 33.69 -17.44 4.45
CA LEU A 3 32.37 -17.51 3.83
C LEU A 3 32.28 -16.68 2.54
N LEU A 4 31.72 -17.33 1.54
CA LEU A 4 31.35 -16.68 0.27
C LEU A 4 29.88 -16.18 0.24
N VAL A 5 29.66 -15.09 -0.49
CA VAL A 5 28.38 -14.38 -0.60
C VAL A 5 28.12 -14.27 -2.09
N TYR A 6 26.95 -14.73 -2.54
CA TYR A 6 26.51 -14.56 -3.93
C TYR A 6 26.22 -13.07 -4.23
N MET A 7 26.75 -12.60 -5.36
CA MET A 7 26.60 -11.23 -5.84
C MET A 7 26.52 -11.25 -7.34
N ASN A 8 25.29 -11.27 -7.81
CA ASN A 8 25.03 -11.31 -9.23
C ASN A 8 25.78 -12.43 -9.99
N GLY A 9 25.87 -13.62 -9.38
CA GLY A 9 26.57 -14.75 -9.99
C GLY A 9 27.98 -14.99 -9.46
N GLU A 10 28.64 -13.94 -9.01
CA GLU A 10 29.97 -14.02 -8.47
C GLU A 10 29.83 -14.44 -7.04
N PHE A 11 30.88 -15.06 -6.50
CA PHE A 11 30.89 -15.51 -5.15
C PHE A 11 32.01 -14.75 -4.52
N VAL A 12 31.65 -13.92 -3.56
CA VAL A 12 32.62 -13.01 -3.02
C VAL A 12 32.84 -13.24 -1.57
N PRO A 13 34.13 -13.17 -1.17
CA PRO A 13 34.44 -13.37 0.24
C PRO A 13 33.66 -12.36 1.08
N GLU A 14 33.10 -12.87 2.18
CA GLU A 14 32.22 -12.14 3.10
C GLU A 14 32.71 -10.71 3.28
N SER A 15 33.95 -10.55 3.74
CA SER A 15 34.51 -9.22 4.04
C SER A 15 34.76 -8.30 2.83
N GLN A 16 34.66 -8.84 1.61
CA GLN A 16 34.66 -7.98 0.44
C GLN A 16 33.25 -7.89 -0.18
N ALA A 17 32.24 -8.49 0.47
CA ALA A 17 30.88 -8.43 -0.09
C ALA A 17 30.26 -7.05 0.25
N LYS A 18 30.14 -6.20 -0.77
CA LYS A 18 29.84 -4.80 -0.57
C LYS A 18 28.96 -4.33 -1.66
N VAL A 19 28.19 -3.29 -1.40
CA VAL A 19 27.24 -2.77 -2.36
C VAL A 19 27.56 -1.32 -2.60
N SER A 20 27.47 -0.89 -3.87
CA SER A 20 27.62 0.51 -4.19
C SER A 20 26.67 1.40 -3.32
N VAL A 21 27.14 2.58 -2.90
CA VAL A 21 26.27 3.46 -2.09
C VAL A 21 25.14 4.03 -2.95
N PHE A 22 25.26 3.87 -4.26
CA PHE A 22 24.27 4.38 -5.20
C PHE A 22 23.10 3.47 -5.43
N ASP A 23 23.17 2.29 -4.83
CA ASP A 23 22.16 1.26 -4.96
C ASP A 23 20.96 1.79 -4.17
N HIS A 24 19.80 1.83 -4.81
CA HIS A 24 18.52 2.22 -4.22
C HIS A 24 18.07 1.32 -3.06
N GLY A 25 18.60 0.10 -2.97
CA GLY A 25 18.46 -0.67 -1.73
C GLY A 25 19.15 0.00 -0.52
N PHE A 26 20.22 0.70 -0.79
CA PHE A 26 20.88 1.43 0.28
C PHE A 26 20.31 2.88 0.47
N LEU A 27 20.00 3.60 -0.62
CA LEU A 27 19.47 4.97 -0.54
C LEU A 27 18.07 5.00 0.08
N TYR A 28 17.23 3.98 -0.27
CA TYR A 28 15.82 4.01 -0.04
C TYR A 28 15.19 2.74 0.51
N GLY A 29 16.01 1.77 0.97
CA GLY A 29 15.54 0.42 1.32
C GLY A 29 14.63 -0.13 0.17
N ASP A 30 14.98 0.14 -1.09
CA ASP A 30 14.16 -0.29 -2.23
C ASP A 30 14.61 -1.70 -2.62
N GLY A 31 14.14 -2.71 -1.88
CA GLY A 31 14.30 -4.11 -2.25
C GLY A 31 13.46 -4.97 -1.34
N VAL A 32 13.60 -6.29 -1.51
CA VAL A 32 12.92 -7.31 -0.72
C VAL A 32 13.94 -8.36 -0.24
N PHE A 33 13.60 -9.14 0.78
CA PHE A 33 14.51 -10.14 1.32
C PHE A 33 13.74 -11.32 1.83
N GLU A 34 14.50 -12.38 2.19
CA GLU A 34 13.96 -13.59 2.73
C GLU A 34 14.83 -14.08 3.81
N GLY A 35 14.27 -15.06 4.54
CA GLY A 35 14.99 -15.71 5.62
C GLY A 35 14.63 -17.19 5.52
N ILE A 36 15.65 -18.04 5.38
CA ILE A 36 15.49 -19.50 5.09
C ILE A 36 16.53 -20.23 5.95
N ARG A 37 16.12 -21.38 6.47
CA ARG A 37 16.99 -22.19 7.28
C ARG A 37 17.34 -23.51 6.51
N ALA A 38 18.62 -23.85 6.52
CA ALA A 38 19.05 -25.17 6.08
C ALA A 38 19.33 -25.97 7.35
N TYR A 39 18.69 -27.12 7.44
CA TYR A 39 18.87 -28.01 8.58
C TYR A 39 19.49 -29.35 8.05
N ASN A 40 20.62 -29.78 8.63
CA ASN A 40 21.37 -31.03 8.18
C ASN A 40 21.39 -31.29 6.68
N GLY A 41 21.98 -30.41 5.89
CA GLY A 41 22.00 -30.60 4.44
C GLY A 41 20.72 -30.41 3.63
N LYS A 42 19.62 -30.06 4.29
CA LYS A 42 18.39 -29.72 3.54
C LYS A 42 17.97 -28.24 3.79
N VAL A 43 17.30 -27.68 2.80
CA VAL A 43 16.72 -26.35 2.87
C VAL A 43 15.21 -26.41 3.13
N PHE A 44 14.83 -26.09 4.37
CA PHE A 44 13.40 -26.13 4.77
C PHE A 44 12.54 -25.09 4.03
N LYS A 45 11.58 -25.56 3.25
CA LYS A 45 10.56 -24.71 2.62
C LYS A 45 11.19 -23.73 1.68
N LEU A 46 12.21 -24.24 0.97
CA LEU A 46 12.96 -23.44 0.01
C LEU A 46 12.08 -22.73 -0.99
N TYR A 47 11.20 -23.50 -1.63
CA TYR A 47 10.36 -23.02 -2.73
C TYR A 47 9.30 -22.04 -2.27
N GLU A 48 8.77 -22.27 -1.06
CA GLU A 48 7.76 -21.35 -0.46
C GLU A 48 8.36 -19.96 -0.25
N HIS A 49 9.58 -19.94 0.31
CA HIS A 49 10.28 -18.72 0.57
C HIS A 49 10.55 -17.97 -0.72
N ILE A 50 10.90 -18.73 -1.74
CA ILE A 50 11.15 -18.18 -3.05
C ILE A 50 9.88 -17.61 -3.66
N ASP A 51 8.77 -18.34 -3.60
CA ASP A 51 7.48 -17.77 -4.00
C ASP A 51 7.17 -16.43 -3.31
N ARG A 52 7.42 -16.36 -2.00
CA ARG A 52 7.10 -15.12 -1.27
C ARG A 52 8.05 -13.98 -1.75
N LEU A 53 9.35 -14.31 -1.88
CA LEU A 53 10.28 -13.35 -2.46
C LEU A 53 9.75 -12.75 -3.76
N TYR A 54 9.25 -13.60 -4.65
CA TYR A 54 8.76 -13.11 -5.96
C TYR A 54 7.47 -12.28 -5.85
N ASP A 55 6.59 -12.70 -4.97
CA ASP A 55 5.39 -11.90 -4.71
C ASP A 55 5.78 -10.52 -4.13
N CYS A 56 6.71 -10.50 -3.18
CA CYS A 56 7.06 -9.23 -2.56
C CYS A 56 7.68 -8.30 -3.58
N ALA A 57 8.44 -8.88 -4.53
CA ALA A 57 9.08 -8.10 -5.58
C ALA A 57 8.06 -7.54 -6.49
N ARG A 58 7.03 -8.32 -6.78
CA ARG A 58 5.97 -7.87 -7.67
C ARG A 58 5.19 -6.67 -7.04
N VAL A 59 4.92 -6.80 -5.74
CA VAL A 59 4.31 -5.70 -5.01
C VAL A 59 5.09 -4.37 -5.16
N ILE A 60 6.43 -4.43 -5.19
CA ILE A 60 7.19 -3.20 -5.35
C ILE A 60 7.57 -2.98 -6.77
N ASP A 61 6.93 -3.75 -7.66
CA ASP A 61 7.17 -3.64 -9.10
C ASP A 61 8.63 -3.86 -9.47
N LEU A 62 9.25 -4.83 -8.82
CA LEU A 62 10.65 -5.08 -9.07
C LEU A 62 10.80 -6.46 -9.78
N LYS A 63 11.36 -6.41 -10.97
CA LYS A 63 11.58 -7.62 -11.77
C LYS A 63 12.86 -8.37 -11.33
N ILE A 64 12.74 -9.54 -10.69
CA ILE A 64 13.95 -10.29 -10.25
C ILE A 64 14.64 -10.88 -11.54
N PRO A 65 15.95 -10.62 -11.79
CA PRO A 65 16.37 -11.06 -13.14
C PRO A 65 16.87 -12.56 -13.21
N LEU A 66 16.32 -13.42 -12.37
CA LEU A 66 16.45 -14.87 -12.42
C LEU A 66 15.06 -15.47 -12.35
N SER A 67 14.90 -16.62 -13.00
CA SER A 67 13.68 -17.43 -12.91
C SER A 67 13.75 -18.02 -11.50
N LYS A 68 12.61 -18.48 -11.02
CA LYS A 68 12.58 -19.13 -9.72
C LYS A 68 13.56 -20.31 -9.53
N GLU A 69 13.65 -21.16 -10.59
CA GLU A 69 14.56 -22.34 -10.61
C GLU A 69 16.01 -21.89 -10.49
N GLU A 70 16.37 -20.91 -11.29
CA GLU A 70 17.70 -20.27 -11.14
C GLU A 70 17.97 -19.77 -9.71
N PHE A 71 16.95 -19.15 -9.08
CA PHE A 71 17.11 -18.63 -7.70
C PHE A 71 17.38 -19.74 -6.70
N ALA A 72 16.57 -20.78 -6.81
CA ALA A 72 16.74 -22.00 -5.99
C ALA A 72 18.17 -22.55 -6.21
N GLU A 73 18.57 -22.63 -7.49
CA GLU A 73 19.90 -23.20 -7.82
C GLU A 73 21.00 -22.34 -7.21
N ALA A 74 20.84 -21.01 -7.31
CA ALA A 74 21.78 -20.06 -6.69
C ALA A 74 21.90 -20.22 -5.19
N ILE A 75 20.77 -20.54 -4.54
CA ILE A 75 20.80 -20.68 -3.09
C ILE A 75 21.59 -21.93 -2.69
N LEU A 76 21.24 -23.03 -3.36
CA LEU A 76 21.93 -24.34 -3.19
C LEU A 76 23.42 -24.21 -3.59
N GLU A 77 23.68 -23.55 -4.70
CA GLU A 77 25.07 -23.36 -5.14
C GLU A 77 25.89 -22.59 -4.08
N THR A 78 25.27 -21.62 -3.38
CA THR A 78 25.99 -20.76 -2.45
C THR A 78 26.27 -21.53 -1.20
N LEU A 79 25.30 -22.30 -0.77
CA LEU A 79 25.46 -23.17 0.35
C LEU A 79 26.58 -24.26 0.07
N ARG A 80 26.56 -24.83 -1.15
CA ARG A 80 27.52 -25.89 -1.51
C ARG A 80 28.92 -25.31 -1.41
N ARG A 81 29.16 -24.24 -2.18
CA ARG A 81 30.43 -23.49 -2.14
C ARG A 81 30.93 -23.18 -0.73
N ASN A 82 30.06 -23.08 0.25
CA ASN A 82 30.51 -22.79 1.65
C ASN A 82 30.60 -24.06 2.48
N ASN A 83 30.29 -25.22 1.87
CA ASN A 83 30.23 -26.53 2.59
C ASN A 83 29.32 -26.46 3.83
N LEU A 84 28.17 -25.80 3.69
CA LEU A 84 27.26 -25.62 4.82
C LEU A 84 26.16 -26.67 4.79
N ARG A 85 25.87 -27.17 5.98
CA ARG A 85 24.80 -28.14 6.18
C ARG A 85 23.65 -27.58 7.05
N ASP A 86 24.05 -26.83 8.07
CA ASP A 86 23.17 -26.06 8.93
C ASP A 86 23.44 -24.58 8.71
N ALA A 87 22.45 -23.89 8.15
CA ALA A 87 22.62 -22.49 7.85
C ALA A 87 21.32 -21.64 7.95
N TYR A 88 21.51 -20.33 8.18
CA TYR A 88 20.59 -19.27 7.86
C TYR A 88 20.93 -18.67 6.51
N ILE A 89 19.91 -18.58 5.66
CA ILE A 89 20.04 -17.94 4.36
C ILE A 89 19.22 -16.60 4.28
N ARG A 90 19.92 -15.53 3.89
CA ARG A 90 19.34 -14.20 3.56
C ARG A 90 19.51 -13.79 2.09
N PRO A 91 18.58 -14.21 1.19
CA PRO A 91 18.54 -13.63 -0.14
C PRO A 91 17.96 -12.22 -0.11
N ILE A 92 18.42 -11.39 -1.04
CA ILE A 92 18.06 -9.95 -1.07
C ILE A 92 18.07 -9.60 -2.51
N VAL A 93 16.99 -9.00 -2.99
CA VAL A 93 17.01 -8.38 -4.31
C VAL A 93 16.69 -6.89 -4.14
N THR A 94 17.53 -6.03 -4.75
CA THR A 94 17.32 -4.59 -4.66
C THR A 94 17.07 -4.05 -6.03
N ARG A 95 16.58 -2.83 -6.07
CA ARG A 95 16.39 -2.11 -7.31
C ARG A 95 17.71 -1.81 -8.13
N GLY A 96 18.88 -1.97 -7.53
CA GLY A 96 20.14 -1.46 -8.10
C GLY A 96 20.24 0.07 -8.07
N ALA A 97 21.26 0.57 -8.74
CA ALA A 97 21.55 1.97 -8.94
C ALA A 97 20.79 2.62 -10.12
N GLY A 98 20.61 3.95 -10.08
CA GLY A 98 19.87 4.68 -11.09
C GLY A 98 20.30 6.14 -10.97
N ASP A 99 19.36 7.07 -11.07
CA ASP A 99 19.61 8.50 -10.68
C ASP A 99 19.72 8.53 -9.16
N LEU A 100 20.11 9.68 -8.60
CA LEU A 100 20.17 9.81 -7.17
C LEU A 100 18.76 9.85 -6.55
N GLY A 101 17.81 10.46 -7.28
CA GLY A 101 16.40 10.46 -6.94
C GLY A 101 15.71 9.09 -6.85
N LEU A 102 14.43 9.07 -6.47
CA LEU A 102 13.77 7.79 -6.06
C LEU A 102 13.12 7.07 -7.28
N ASP A 103 13.13 7.69 -8.45
CA ASP A 103 12.44 7.14 -9.59
C ASP A 103 12.98 5.75 -10.04
N PRO A 104 12.19 4.67 -9.77
CA PRO A 104 12.74 3.33 -10.02
C PRO A 104 12.94 3.01 -11.52
N ARG A 105 12.26 3.74 -12.42
CA ARG A 105 12.37 3.46 -13.88
C ARG A 105 13.74 3.78 -14.41
N LYS A 106 14.49 4.54 -13.62
CA LYS A 106 15.76 5.03 -14.03
C LYS A 106 16.80 4.06 -13.52
N CYS A 107 16.38 2.90 -13.01
CA CYS A 107 17.28 1.93 -12.41
C CYS A 107 17.22 0.66 -13.28
N PRO A 108 18.22 0.45 -14.17
CA PRO A 108 18.11 -0.65 -15.16
C PRO A 108 18.45 -2.03 -14.62
N SER A 109 19.28 -2.17 -13.60
CA SER A 109 19.78 -3.47 -13.18
C SER A 109 19.63 -3.85 -11.71
N PRO A 110 18.60 -4.64 -11.43
CA PRO A 110 18.39 -5.11 -10.08
C PRO A 110 19.60 -5.79 -9.59
N ASN A 111 19.78 -5.87 -8.31
CA ASN A 111 20.91 -6.44 -7.73
C ASN A 111 20.52 -7.64 -6.85
N VAL A 112 21.16 -8.80 -7.04
CA VAL A 112 20.80 -10.04 -6.34
C VAL A 112 21.89 -10.53 -5.47
N ILE A 113 21.57 -10.65 -4.18
CA ILE A 113 22.56 -11.02 -3.18
C ILE A 113 22.06 -12.25 -2.44
N ILE A 114 22.95 -13.19 -2.09
CA ILE A 114 22.57 -14.30 -1.24
C ILE A 114 23.65 -14.52 -0.21
N ILE A 115 23.31 -14.17 1.05
CA ILE A 115 24.10 -14.44 2.23
C ILE A 115 23.73 -15.82 2.84
N THR A 116 24.72 -16.62 3.26
CA THR A 116 24.51 -17.89 4.00
C THR A 116 25.53 -17.92 5.14
N LYS A 117 25.05 -18.17 6.34
CA LYS A 117 25.84 -18.08 7.56
C LYS A 117 25.26 -19.14 8.51
N PRO A 118 26.09 -19.76 9.39
CA PRO A 118 25.41 -20.33 10.57
C PRO A 118 24.94 -19.15 11.44
N TRP A 119 23.76 -19.27 12.05
CA TRP A 119 23.15 -18.19 12.90
C TRP A 119 22.16 -18.88 13.84
N GLY A 120 22.51 -18.91 15.14
CA GLY A 120 21.74 -19.55 16.22
C GLY A 120 20.28 -19.07 16.26
N LYS A 121 19.38 -19.91 16.77
CA LYS A 121 17.93 -19.58 16.91
C LYS A 121 17.80 -18.15 17.53
N LEU A 122 16.97 -17.27 16.94
CA LEU A 122 16.96 -15.85 17.33
C LEU A 122 17.10 -15.64 18.87
N TYR A 123 16.37 -16.45 19.66
CA TYR A 123 16.08 -16.11 21.04
C TYR A 123 17.00 -16.41 22.27
N GLY A 124 18.18 -17.02 22.17
CA GLY A 124 18.49 -18.25 21.47
C GLY A 124 18.50 -19.31 22.57
N ASP A 125 18.91 -18.90 23.78
CA ASP A 125 18.80 -19.73 25.01
C ASP A 125 17.61 -19.39 25.94
N LEU A 126 16.49 -18.96 25.36
CA LEU A 126 15.32 -18.58 26.15
C LEU A 126 14.13 -19.53 25.92
N TYR A 127 14.35 -20.58 25.14
CA TYR A 127 13.26 -21.52 24.74
C TYR A 127 12.80 -22.44 25.86
N GLU A 128 13.68 -22.68 26.85
CA GLU A 128 13.32 -23.42 28.09
C GLU A 128 12.52 -22.54 29.04
N LYS A 129 12.96 -21.28 29.26
CA LYS A 129 12.37 -20.31 30.22
C LYS A 129 11.25 -19.48 29.64
N GLY A 130 11.35 -19.11 28.35
CA GLY A 130 10.32 -18.29 27.67
C GLY A 130 10.72 -16.84 27.50
N LEU A 131 10.21 -16.18 26.46
CA LEU A 131 10.40 -14.72 26.26
C LEU A 131 9.58 -13.82 27.16
N LYS A 132 10.15 -12.66 27.53
CA LYS A 132 9.35 -11.55 28.09
C LYS A 132 8.99 -10.62 26.95
N ALA A 133 7.73 -10.54 26.61
CA ALA A 133 7.26 -9.65 25.52
C ALA A 133 6.65 -8.34 26.06
N ILE A 134 6.77 -7.26 25.28
CA ILE A 134 6.32 -5.91 25.64
C ILE A 134 5.47 -5.42 24.47
N THR A 135 4.29 -4.92 24.76
CA THR A 135 3.49 -4.23 23.70
C THR A 135 4.09 -2.85 23.54
N VAL A 136 4.22 -2.41 22.29
CA VAL A 136 4.90 -1.18 22.03
C VAL A 136 3.87 -0.05 21.76
N ALA A 137 4.29 1.19 21.95
CA ALA A 137 3.44 2.35 21.60
C ALA A 137 3.38 2.56 20.09
N ILE A 138 4.48 2.24 19.41
CA ILE A 138 4.51 2.38 17.94
C ILE A 138 3.58 1.32 17.31
N ARG A 139 2.78 1.69 16.32
CA ARG A 139 1.88 0.75 15.67
C ARG A 139 2.54 0.16 14.43
N ARG A 140 1.99 -0.94 13.93
CA ARG A 140 2.58 -1.59 12.73
C ARG A 140 2.32 -0.71 11.54
N ASN A 141 3.25 -0.69 10.58
CA ASN A 141 3.02 -0.07 9.28
C ASN A 141 1.62 -0.44 8.77
N ALA A 142 0.93 0.53 8.17
CA ALA A 142 -0.48 0.35 7.80
C ALA A 142 -0.52 -0.31 6.44
N ILE A 143 -1.58 -1.06 6.20
CA ILE A 143 -1.78 -1.83 4.97
C ILE A 143 -1.92 -0.96 3.78
N ASP A 144 -2.18 0.32 3.97
CA ASP A 144 -2.21 1.13 2.79
C ASP A 144 -1.23 2.24 2.78
N SER A 145 -0.15 2.09 3.57
CA SER A 145 1.00 3.00 3.49
C SER A 145 2.25 2.26 3.07
N LEU A 146 2.52 1.19 3.81
CA LEU A 146 3.72 0.40 3.60
C LEU A 146 3.31 -1.00 3.98
N PRO A 147 2.59 -1.70 3.07
CA PRO A 147 1.98 -2.97 3.43
C PRO A 147 2.91 -3.91 4.21
N PRO A 148 2.51 -4.33 5.42
CA PRO A 148 3.43 -5.05 6.27
C PRO A 148 3.71 -6.44 5.72
N ASN A 149 2.84 -6.95 4.85
CA ASN A 149 3.13 -8.19 4.11
C ASN A 149 4.43 -8.13 3.24
N ILE A 150 4.92 -6.98 2.83
CA ILE A 150 6.16 -6.97 2.04
C ILE A 150 7.34 -7.23 2.96
N LYS A 151 8.10 -8.30 2.71
CA LYS A 151 9.36 -8.51 3.46
C LYS A 151 10.39 -7.69 2.73
N SER A 152 10.49 -6.40 3.09
CA SER A 152 11.22 -5.41 2.31
C SER A 152 12.44 -4.94 3.08
N LEU A 153 13.25 -4.14 2.42
CA LEU A 153 14.42 -3.53 3.06
C LEU A 153 14.00 -2.31 3.95
N ASN A 154 12.67 -1.99 4.01
CA ASN A 154 12.15 -0.91 4.89
C ASN A 154 11.71 -1.49 6.21
N TYR A 155 12.68 -1.69 7.11
CA TYR A 155 12.36 -2.31 8.38
C TYR A 155 12.53 -1.41 9.59
N LEU A 156 12.53 -0.11 9.39
CA LEU A 156 12.62 0.82 10.55
C LEU A 156 11.40 0.75 11.46
N ASN A 157 10.23 0.46 10.91
CA ASN A 157 9.04 0.29 11.79
C ASN A 157 9.37 -0.81 12.80
N ASN A 158 9.93 -1.91 12.29
CA ASN A 158 10.20 -3.09 13.11
C ASN A 158 11.32 -2.76 14.08
N ILE A 159 12.32 -2.00 13.62
CA ILE A 159 13.45 -1.59 14.48
C ILE A 159 13.02 -0.63 15.58
N LEU A 160 12.23 0.38 15.22
CA LEU A 160 11.69 1.25 16.29
C LEU A 160 11.01 0.45 17.40
N ALA A 161 10.21 -0.54 17.00
CA ALA A 161 9.56 -1.43 17.95
C ALA A 161 10.57 -2.18 18.82
N LYS A 162 11.63 -2.67 18.20
CA LYS A 162 12.62 -3.46 18.91
C LYS A 162 13.37 -2.59 19.98
N ILE A 163 13.66 -1.35 19.60
CA ILE A 163 14.23 -0.31 20.47
C ILE A 163 13.38 -0.07 21.66
N GLU A 164 12.05 -0.02 21.49
CA GLU A 164 11.18 0.17 22.63
C GLU A 164 11.30 -1.01 23.58
N ALA A 165 11.23 -2.24 23.05
CA ALA A 165 11.29 -3.44 23.90
C ALA A 165 12.66 -3.53 24.57
N ASN A 166 13.74 -3.14 23.87
CA ASN A 166 15.06 -3.06 24.54
C ASN A 166 15.00 -2.19 25.78
N ALA A 167 14.38 -1.01 25.69
CA ALA A 167 14.38 -0.06 26.80
C ALA A 167 13.35 -0.45 27.81
N LYS A 168 12.38 -1.31 27.45
CA LYS A 168 11.25 -1.45 28.38
C LYS A 168 11.14 -2.84 29.03
N GLY A 169 12.22 -3.60 28.93
CA GLY A 169 12.36 -4.85 29.72
C GLY A 169 11.90 -6.09 28.98
N GLY A 170 11.86 -6.04 27.65
CA GLY A 170 11.32 -7.14 26.87
C GLY A 170 12.35 -7.76 25.96
N ASP A 171 12.20 -9.05 25.70
CA ASP A 171 13.00 -9.73 24.67
C ASP A 171 12.44 -9.51 23.30
N GLU A 172 11.15 -9.16 23.23
CA GLU A 172 10.42 -9.03 21.97
C GLU A 172 9.35 -7.94 22.20
N ALA A 173 9.09 -7.21 21.11
CA ALA A 173 8.07 -6.19 20.95
C ALA A 173 6.85 -6.81 20.29
N ILE A 174 5.67 -6.49 20.83
CA ILE A 174 4.38 -6.83 20.21
C ILE A 174 3.73 -5.56 19.61
N PHE A 175 3.51 -5.59 18.30
CA PHE A 175 2.75 -4.52 17.62
C PHE A 175 1.24 -4.72 17.73
N LEU A 176 0.50 -3.60 17.87
CA LEU A 176 -0.91 -3.52 17.45
C LEU A 176 -0.93 -2.80 16.10
N ASP A 177 -2.06 -2.85 15.39
CA ASP A 177 -2.15 -1.97 14.25
C ASP A 177 -3.03 -0.76 14.66
N HIS A 178 -3.46 -0.01 13.68
CA HIS A 178 -4.09 1.27 13.92
C HIS A 178 -5.51 1.09 14.50
N ASN A 179 -6.15 -0.03 14.20
CA ASN A 179 -7.46 -0.42 14.73
C ASN A 179 -7.42 -0.91 16.15
N GLY A 180 -6.23 -1.13 16.67
CA GLY A 180 -6.13 -1.69 18.01
C GLY A 180 -6.06 -3.21 17.94
N TYR A 181 -6.03 -3.78 16.73
CA TYR A 181 -5.85 -5.25 16.67
C TYR A 181 -4.39 -5.60 16.94
N ILE A 182 -4.18 -6.69 17.67
CA ILE A 182 -2.83 -7.34 17.69
C ILE A 182 -2.34 -7.64 16.28
N SER A 183 -1.07 -7.33 16.03
CA SER A 183 -0.52 -7.56 14.70
C SER A 183 0.46 -8.76 14.77
N GLU A 184 1.61 -8.57 15.43
CA GLU A 184 2.71 -9.56 15.43
C GLU A 184 3.83 -9.02 16.27
N GLY A 185 4.80 -9.86 16.56
CA GLY A 185 6.13 -9.37 17.04
C GLY A 185 6.93 -8.57 16.00
N SER A 186 8.08 -8.01 16.40
CA SER A 186 8.87 -7.15 15.46
C SER A 186 9.38 -7.91 14.26
N GLY A 187 9.58 -9.22 14.46
CA GLY A 187 10.11 -10.09 13.44
C GLY A 187 9.50 -11.49 13.39
N ASP A 188 8.39 -11.68 14.08
CA ASP A 188 7.73 -12.99 14.07
C ASP A 188 6.22 -12.92 14.29
N ASN A 189 5.49 -13.91 13.82
CA ASN A 189 4.00 -13.96 13.98
C ASN A 189 3.62 -14.31 15.37
N ILE A 190 2.37 -14.08 15.74
CA ILE A 190 1.94 -14.32 17.13
C ILE A 190 0.72 -15.26 17.18
N PHE A 191 0.76 -16.16 18.17
CA PHE A 191 -0.34 -17.06 18.42
C PHE A 191 -0.66 -16.96 19.88
N ILE A 192 -1.94 -17.15 20.19
CA ILE A 192 -2.38 -17.29 21.59
C ILE A 192 -3.23 -18.56 21.78
N VAL A 193 -3.22 -19.04 23.02
CA VAL A 193 -3.96 -20.26 23.40
C VAL A 193 -4.80 -19.89 24.61
N LYS A 194 -6.09 -20.23 24.54
CA LYS A 194 -7.00 -19.92 25.65
C LYS A 194 -8.07 -21.02 25.76
N ASN A 195 -8.15 -21.66 26.93
CA ASN A 195 -9.16 -22.76 27.14
C ASN A 195 -9.04 -23.83 26.04
N GLY A 196 -7.81 -24.18 25.70
CA GLY A 196 -7.64 -25.17 24.61
C GLY A 196 -7.75 -24.69 23.19
N THR A 197 -8.21 -23.46 22.95
CA THR A 197 -8.36 -22.93 21.60
C THR A 197 -7.19 -21.99 21.23
N ILE A 198 -6.64 -22.23 20.03
CA ILE A 198 -5.54 -21.42 19.46
C ILE A 198 -6.16 -20.35 18.56
N THR A 199 -5.73 -19.10 18.82
CA THR A 199 -6.06 -17.99 17.89
C THR A 199 -4.81 -17.30 17.35
N THR A 200 -4.88 -16.96 16.07
CA THR A 200 -3.81 -16.13 15.48
C THR A 200 -4.48 -15.06 14.58
N PRO A 201 -3.91 -13.83 14.52
CA PRO A 201 -4.48 -12.80 13.61
C PRO A 201 -4.47 -13.23 12.15
N PRO A 202 -5.50 -12.81 11.38
CA PRO A 202 -5.34 -12.89 9.92
C PRO A 202 -4.05 -12.17 9.56
N THR A 203 -3.44 -12.54 8.43
CA THR A 203 -2.12 -12.03 8.08
C THR A 203 -2.10 -10.61 7.50
N LEU A 204 -3.27 -10.11 7.11
CA LEU A 204 -3.41 -8.81 6.47
C LEU A 204 -2.56 -7.71 7.19
N ASN A 205 -2.67 -7.59 8.51
CA ASN A 205 -1.99 -6.46 9.16
C ASN A 205 -0.58 -6.84 9.63
N ASN A 206 -0.10 -8.03 9.26
CA ASN A 206 1.23 -8.47 9.68
C ASN A 206 1.99 -9.04 8.49
N LEU A 207 2.27 -10.34 8.46
CA LEU A 207 3.10 -10.88 7.41
C LEU A 207 2.72 -12.35 7.34
N LYS A 208 2.54 -12.85 6.10
CA LYS A 208 2.18 -14.26 5.85
C LYS A 208 3.33 -15.22 6.13
N GLY A 209 3.58 -15.51 7.39
CA GLY A 209 4.74 -16.30 7.85
C GLY A 209 4.75 -17.71 7.28
N ILE A 210 5.90 -18.16 6.80
CA ILE A 210 6.01 -19.59 6.39
C ILE A 210 6.02 -20.47 7.64
N THR A 211 6.63 -19.99 8.73
CA THR A 211 6.57 -20.79 9.95
C THR A 211 5.13 -20.90 10.50
N ARG A 212 4.43 -19.75 10.48
CA ARG A 212 3.05 -19.65 10.92
C ARG A 212 2.25 -20.64 10.06
N GLN A 213 2.42 -20.67 8.74
CA GLN A 213 1.71 -21.66 7.89
C GLN A 213 2.02 -23.12 8.34
N VAL A 214 3.30 -23.43 8.58
CA VAL A 214 3.64 -24.78 9.06
C VAL A 214 2.96 -25.01 10.37
N VAL A 215 2.99 -24.02 11.31
CA VAL A 215 2.31 -24.33 12.55
C VAL A 215 0.80 -24.59 12.48
N ILE A 216 0.12 -23.93 11.56
CA ILE A 216 -1.29 -24.07 11.36
C ILE A 216 -1.55 -25.50 10.86
N GLU A 217 -0.77 -25.97 9.86
CA GLU A 217 -0.79 -27.39 9.40
C GLU A 217 -0.67 -28.36 10.53
N LEU A 218 0.27 -28.12 11.45
CA LEU A 218 0.41 -28.91 12.67
C LEU A 218 -0.79 -28.85 13.61
N ILE A 219 -1.38 -27.66 13.77
CA ILE A 219 -2.56 -27.50 14.61
C ILE A 219 -3.74 -28.33 14.08
N ASN A 220 -3.99 -28.28 12.78
CA ASN A 220 -5.00 -29.07 12.10
C ASN A 220 -4.81 -30.59 12.18
N GLU A 221 -3.59 -31.04 11.93
CA GLU A 221 -3.17 -32.43 12.14
C GLU A 221 -3.33 -32.87 13.58
N LEU A 222 -2.98 -32.02 14.55
CA LEU A 222 -3.20 -32.38 15.93
C LEU A 222 -4.65 -32.23 16.38
N GLU A 223 -5.51 -31.82 15.44
CA GLU A 223 -6.93 -31.46 15.72
C GLU A 223 -7.19 -30.53 16.93
N ILE A 224 -6.31 -29.55 17.17
CA ILE A 224 -6.58 -28.53 18.21
C ILE A 224 -7.61 -27.49 17.63
N PRO A 225 -8.66 -27.15 18.41
CA PRO A 225 -9.54 -26.05 17.95
C PRO A 225 -8.70 -24.78 17.60
N PHE A 226 -9.00 -24.22 16.42
CA PHE A 226 -8.16 -23.18 15.86
C PHE A 226 -8.96 -22.07 15.21
N ARG A 227 -8.58 -20.81 15.43
CA ARG A 227 -9.32 -19.68 14.83
C ARG A 227 -8.33 -18.66 14.25
N GLU A 228 -8.57 -18.21 13.04
CA GLU A 228 -7.83 -17.05 12.53
C GLU A 228 -8.79 -15.85 12.71
N ALA A 229 -8.48 -14.91 13.61
CA ALA A 229 -9.45 -13.89 14.01
C ALA A 229 -8.65 -12.79 14.54
N ASN A 230 -9.18 -11.57 14.38
CA ASN A 230 -8.59 -10.44 15.08
C ASN A 230 -8.79 -10.49 16.57
N ILE A 231 -7.77 -10.08 17.30
CA ILE A 231 -7.74 -10.09 18.76
C ILE A 231 -7.17 -8.75 19.26
N GLY A 232 -7.38 -8.48 20.53
CA GLY A 232 -6.94 -7.22 21.16
C GLY A 232 -6.14 -7.49 22.44
N LEU A 233 -5.76 -6.39 23.09
CA LEU A 233 -5.10 -6.45 24.41
C LEU A 233 -5.82 -7.36 25.43
N PHE A 234 -7.15 -7.33 25.41
CA PHE A 234 -7.93 -8.13 26.36
C PHE A 234 -7.49 -9.62 26.20
N ASP A 235 -7.36 -10.07 24.95
CA ASP A 235 -7.09 -11.47 24.63
C ASP A 235 -5.68 -11.77 24.99
N LEU A 236 -4.77 -10.83 24.78
CA LEU A 236 -3.37 -11.07 25.14
C LEU A 236 -3.19 -11.23 26.66
N TYR A 237 -3.82 -10.34 27.40
CA TYR A 237 -3.74 -10.32 28.88
C TYR A 237 -4.49 -11.44 29.60
N SER A 238 -5.34 -12.17 28.91
CA SER A 238 -6.14 -13.22 29.51
C SER A 238 -5.76 -14.64 28.95
N ALA A 239 -4.75 -14.72 28.09
CA ALA A 239 -4.40 -15.96 27.35
C ALA A 239 -3.76 -16.99 28.31
N ASP A 240 -4.06 -18.28 28.13
CA ASP A 240 -3.29 -19.34 28.85
C ASP A 240 -1.90 -19.47 28.35
N GLU A 241 -1.69 -19.34 27.02
CA GLU A 241 -0.34 -19.40 26.49
C GLU A 241 -0.20 -18.36 25.39
N ILE A 242 1.05 -17.92 25.20
CA ILE A 242 1.38 -17.10 24.04
C ILE A 242 2.65 -17.66 23.36
N PHE A 243 2.70 -17.69 22.02
CA PHE A 243 4.00 -17.95 21.41
C PHE A 243 4.16 -17.17 20.15
N VAL A 244 5.42 -16.96 19.71
CA VAL A 244 5.69 -16.35 18.42
C VAL A 244 6.43 -17.33 17.47
N THR A 245 6.34 -17.07 16.16
CA THR A 245 6.93 -17.89 15.12
C THR A 245 7.63 -17.12 14.05
N GLY A 246 8.75 -17.68 13.58
CA GLY A 246 9.46 -17.19 12.39
C GLY A 246 10.64 -18.11 12.01
N THR A 247 11.24 -17.90 10.84
CA THR A 247 12.35 -18.77 10.39
C THR A 247 13.50 -18.76 11.38
N ALA A 248 13.91 -17.58 11.81
CA ALA A 248 15.05 -17.47 12.68
C ALA A 248 14.67 -17.95 14.06
N ALA A 249 13.51 -17.50 14.54
CA ALA A 249 13.10 -17.79 15.91
C ALA A 249 12.58 -19.22 16.09
N GLU A 250 12.16 -19.82 15.00
CA GLU A 250 11.29 -21.01 15.08
C GLU A 250 9.99 -20.73 15.83
N ILE A 251 9.70 -21.54 16.82
CA ILE A 251 8.58 -21.33 17.70
C ILE A 251 9.14 -20.96 19.08
N ALA A 252 8.90 -19.72 19.51
CA ALA A 252 9.37 -19.29 20.83
C ALA A 252 8.21 -19.06 21.82
N PRO A 253 8.28 -19.65 23.03
CA PRO A 253 7.17 -19.34 23.93
C PRO A 253 7.36 -17.98 24.58
N VAL A 254 6.23 -17.34 24.84
CA VAL A 254 6.22 -16.02 25.47
C VAL A 254 5.57 -16.23 26.84
N THR A 255 6.35 -16.09 27.89
CA THR A 255 5.84 -16.42 29.26
C THR A 255 5.49 -15.19 30.08
N TYR A 256 5.90 -14.01 29.61
CA TYR A 256 5.46 -12.73 30.23
C TYR A 256 5.01 -11.74 29.14
N ILE A 257 3.96 -10.95 29.38
CA ILE A 257 3.61 -9.81 28.48
C ILE A 257 3.45 -8.61 29.38
N ASP A 258 4.10 -7.52 29.03
CA ASP A 258 4.04 -6.32 29.87
C ASP A 258 4.28 -6.65 31.35
N GLY A 259 5.20 -7.57 31.65
CA GLY A 259 5.50 -7.99 33.02
C GLY A 259 4.46 -8.91 33.69
N ARG A 260 3.28 -9.10 33.07
CA ARG A 260 2.26 -10.02 33.59
C ARG A 260 2.66 -11.41 33.19
N THR A 261 2.45 -12.34 34.13
CA THR A 261 2.81 -13.76 34.00
C THR A 261 1.80 -14.37 33.09
N VAL A 262 2.26 -15.05 32.02
CA VAL A 262 1.32 -15.75 31.16
C VAL A 262 1.15 -17.18 31.73
N GLY A 263 -0.10 -17.53 32.11
CA GLY A 263 -0.40 -18.77 32.85
C GLY A 263 0.57 -19.04 34.00
N ASN A 264 1.11 -20.24 33.99
CA ASN A 264 2.30 -20.75 34.70
C ASN A 264 3.51 -19.82 34.90
N GLY A 265 3.92 -19.08 33.88
CA GLY A 265 5.24 -18.41 33.87
C GLY A 265 6.32 -19.19 33.16
N LYS A 266 5.96 -20.36 32.63
CA LYS A 266 6.89 -21.26 31.90
C LYS A 266 6.10 -21.71 30.67
N PRO A 267 6.77 -22.24 29.64
CA PRO A 267 6.10 -22.63 28.42
C PRO A 267 4.92 -23.55 28.62
N GLY A 268 3.82 -23.22 27.98
CA GLY A 268 2.65 -24.05 28.06
C GLY A 268 2.75 -25.34 27.28
N LYS A 269 1.82 -26.21 27.63
CA LYS A 269 1.63 -27.56 27.11
C LYS A 269 1.49 -27.52 25.59
N VAL A 270 0.63 -26.64 25.09
CA VAL A 270 0.32 -26.63 23.65
C VAL A 270 1.55 -26.11 22.88
N THR A 271 2.17 -25.08 23.43
CA THR A 271 3.36 -24.51 22.79
C THR A 271 4.46 -25.61 22.69
N LYS A 272 4.81 -26.23 23.82
CA LYS A 272 5.84 -27.28 23.86
C LYS A 272 5.52 -28.41 22.90
N MET A 273 4.29 -28.91 22.89
CA MET A 273 3.86 -29.88 21.86
C MET A 273 4.14 -29.42 20.42
N LEU A 274 3.77 -28.18 20.09
CA LEU A 274 3.96 -27.69 18.73
C LEU A 274 5.43 -27.52 18.40
N MET A 275 6.21 -27.10 19.41
CA MET A 275 7.66 -26.95 19.29
C MET A 275 8.27 -28.32 18.89
N GLU A 276 7.79 -29.39 19.54
CA GLU A 276 8.29 -30.75 19.31
C GLU A 276 7.87 -31.21 17.89
N LYS A 277 6.61 -30.98 17.54
CA LYS A 277 6.17 -31.35 16.19
C LYS A 277 6.86 -30.54 15.13
N PHE A 278 7.19 -29.29 15.46
CA PHE A 278 7.90 -28.47 14.52
C PHE A 278 9.36 -28.99 14.28
N ARG A 279 10.17 -29.24 15.33
CA ARG A 279 11.53 -29.87 15.17
C ARG A 279 11.46 -31.08 14.21
N GLU A 280 10.51 -32.01 14.44
CA GLU A 280 10.29 -33.15 13.51
C GLU A 280 10.17 -32.78 12.03
N ARG A 281 9.31 -31.80 11.72
CA ARG A 281 9.19 -31.31 10.37
C ARG A 281 10.53 -30.80 9.83
N THR A 282 11.32 -30.12 10.67
CA THR A 282 12.60 -29.57 10.17
C THR A 282 13.63 -30.71 9.82
N GLU A 283 13.53 -31.83 10.54
CA GLU A 283 14.23 -33.07 10.18
C GLU A 283 13.76 -33.78 8.90
N ASN A 284 12.47 -33.89 8.66
CA ASN A 284 12.01 -34.77 7.57
C ASN A 284 11.77 -34.07 6.26
N GLU A 285 11.78 -32.73 6.21
CA GLU A 285 11.45 -32.04 4.95
C GLU A 285 12.55 -31.16 4.51
N GLY A 286 12.64 -30.96 3.21
CA GLY A 286 13.53 -29.95 2.68
C GLY A 286 14.12 -30.36 1.36
N VAL A 287 14.70 -29.41 0.66
CA VAL A 287 15.40 -29.69 -0.57
C VAL A 287 16.87 -30.02 -0.20
N GLU A 288 17.37 -31.10 -0.80
CA GLU A 288 18.69 -31.63 -0.48
C GLU A 288 19.70 -30.67 -1.04
N ILE A 289 20.68 -30.28 -0.24
CA ILE A 289 21.73 -29.41 -0.80
C ILE A 289 22.69 -30.22 -1.72
N TYR A 290 23.08 -31.42 -1.27
CA TYR A 290 24.19 -32.23 -1.82
C TYR A 290 23.83 -33.52 -2.54
N GLU B 2 -40.15 4.65 -30.76
CA GLU B 2 -39.47 5.31 -29.63
C GLU B 2 -39.76 4.48 -28.37
N LEU B 3 -38.72 4.17 -27.61
CA LEU B 3 -38.84 3.48 -26.30
C LEU B 3 -39.72 4.25 -25.31
N LEU B 4 -40.50 3.49 -24.55
CA LEU B 4 -41.34 4.07 -23.49
C LEU B 4 -40.77 3.78 -22.08
N VAL B 5 -40.94 4.76 -21.20
CA VAL B 5 -40.48 4.69 -19.83
C VAL B 5 -41.72 4.60 -18.95
N TYR B 6 -41.70 3.62 -18.05
CA TYR B 6 -42.69 3.51 -16.98
C TYR B 6 -42.51 4.72 -16.02
N MET B 7 -43.60 5.48 -15.82
CA MET B 7 -43.61 6.58 -14.87
C MET B 7 -44.92 6.53 -14.07
N ASN B 8 -44.88 5.92 -12.89
CA ASN B 8 -46.02 5.77 -11.98
C ASN B 8 -47.28 5.16 -12.67
N GLY B 9 -47.15 4.06 -13.40
CA GLY B 9 -48.30 3.53 -14.17
C GLY B 9 -48.32 3.94 -15.65
N GLU B 10 -48.05 5.19 -15.94
CA GLU B 10 -48.03 5.67 -17.33
C GLU B 10 -46.79 5.21 -18.07
N PHE B 11 -46.98 4.93 -19.35
CA PHE B 11 -45.88 4.71 -20.26
C PHE B 11 -45.67 5.95 -21.11
N VAL B 12 -44.48 6.52 -21.00
CA VAL B 12 -44.20 7.78 -21.63
C VAL B 12 -42.94 7.65 -22.51
N PRO B 13 -43.01 8.18 -23.74
CA PRO B 13 -41.82 8.11 -24.61
C PRO B 13 -40.63 8.77 -23.91
N GLU B 14 -39.44 8.25 -24.13
CA GLU B 14 -38.20 8.74 -23.49
C GLU B 14 -38.02 10.24 -23.43
N SER B 15 -38.16 10.89 -24.59
CA SER B 15 -37.91 12.32 -24.78
C SER B 15 -38.88 13.09 -23.93
N GLN B 16 -39.95 12.39 -23.59
CA GLN B 16 -41.00 13.01 -22.84
C GLN B 16 -40.89 12.68 -21.35
N ALA B 17 -40.08 11.66 -21.05
CA ALA B 17 -39.87 11.18 -19.66
C ALA B 17 -39.00 12.14 -18.82
N LYS B 18 -39.69 12.88 -17.96
CA LYS B 18 -39.13 13.99 -17.19
C LYS B 18 -39.69 13.91 -15.79
N VAL B 19 -38.98 14.50 -14.84
CA VAL B 19 -39.43 14.55 -13.46
C VAL B 19 -39.40 16.01 -13.00
N SER B 20 -40.30 16.39 -12.10
CA SER B 20 -40.29 17.76 -11.53
C SER B 20 -38.95 18.09 -10.87
N VAL B 21 -38.45 19.31 -11.10
CA VAL B 21 -37.19 19.77 -10.45
C VAL B 21 -37.28 19.81 -8.90
N PHE B 22 -38.50 19.67 -8.39
CA PHE B 22 -38.81 19.66 -6.97
C PHE B 22 -38.80 18.28 -6.34
N ASP B 23 -38.72 17.26 -7.17
CA ASP B 23 -38.58 15.88 -6.67
C ASP B 23 -37.26 15.82 -5.91
N HIS B 24 -37.31 15.27 -4.70
CA HIS B 24 -36.11 15.15 -3.86
C HIS B 24 -35.06 14.21 -4.40
N GLY B 25 -35.47 13.29 -5.29
CA GLY B 25 -34.54 12.46 -6.09
C GLY B 25 -33.59 13.33 -6.92
N PHE B 26 -34.09 14.47 -7.42
CA PHE B 26 -33.30 15.42 -8.17
C PHE B 26 -32.49 16.37 -7.26
N LEU B 27 -33.19 16.94 -6.27
CA LEU B 27 -32.64 17.99 -5.46
C LEU B 27 -31.56 17.43 -4.58
N TYR B 28 -31.69 16.15 -4.16
CA TYR B 28 -30.90 15.61 -3.05
C TYR B 28 -30.36 14.21 -3.28
N GLY B 29 -30.61 13.69 -4.49
CA GLY B 29 -30.33 12.30 -4.78
C GLY B 29 -31.08 11.34 -3.85
N ASP B 30 -32.27 11.73 -3.38
CA ASP B 30 -33.01 10.97 -2.38
C ASP B 30 -33.91 9.86 -3.01
N GLY B 31 -33.32 8.70 -3.21
CA GLY B 31 -34.00 7.57 -3.88
C GLY B 31 -33.03 6.45 -4.06
N VAL B 32 -33.49 5.33 -4.64
CA VAL B 32 -32.70 4.11 -4.83
C VAL B 32 -32.90 3.64 -6.25
N PHE B 33 -32.03 2.77 -6.75
CA PHE B 33 -32.16 2.24 -8.10
C PHE B 33 -31.64 0.85 -8.20
N GLU B 34 -31.97 0.17 -9.30
CA GLU B 34 -31.44 -1.16 -9.59
C GLU B 34 -30.90 -1.20 -11.03
N GLY B 35 -30.20 -2.28 -11.36
CA GLY B 35 -29.78 -2.51 -12.72
C GLY B 35 -30.03 -4.00 -12.87
N ILE B 36 -30.79 -4.36 -13.90
CA ILE B 36 -31.22 -5.78 -14.13
C ILE B 36 -31.03 -6.06 -15.66
N ARG B 37 -30.55 -7.25 -16.03
CA ARG B 37 -30.45 -7.53 -17.48
C ARG B 37 -31.54 -8.50 -17.95
N ALA B 38 -32.11 -8.20 -19.12
CA ALA B 38 -32.88 -9.24 -19.88
C ALA B 38 -32.00 -9.87 -20.96
N TYR B 39 -31.95 -11.20 -20.96
CA TYR B 39 -31.23 -11.97 -21.97
C TYR B 39 -32.18 -12.90 -22.75
N ASN B 40 -32.34 -12.59 -24.02
CA ASN B 40 -33.02 -13.48 -24.99
C ASN B 40 -34.44 -13.73 -24.52
N GLY B 41 -35.17 -12.65 -24.18
CA GLY B 41 -36.57 -12.72 -23.73
C GLY B 41 -36.77 -13.17 -22.29
N LYS B 42 -35.69 -13.31 -21.53
CA LYS B 42 -35.85 -13.45 -20.08
C LYS B 42 -35.00 -12.57 -19.14
N VAL B 43 -35.60 -12.26 -18.00
CA VAL B 43 -35.00 -11.39 -16.96
C VAL B 43 -34.19 -12.18 -15.94
N PHE B 44 -32.86 -11.97 -15.96
CA PHE B 44 -31.96 -12.66 -15.08
C PHE B 44 -32.10 -12.11 -13.64
N LYS B 45 -32.36 -12.97 -12.65
CA LYS B 45 -32.40 -12.62 -11.22
C LYS B 45 -33.33 -11.46 -10.93
N LEU B 46 -34.44 -11.39 -11.67
CA LEU B 46 -35.46 -10.35 -11.47
C LEU B 46 -35.84 -10.16 -9.99
N TYR B 47 -36.17 -11.23 -9.28
CA TYR B 47 -36.68 -11.10 -7.88
C TYR B 47 -35.58 -10.75 -6.86
N GLU B 48 -34.35 -11.25 -7.08
CA GLU B 48 -33.23 -10.93 -6.24
C GLU B 48 -33.02 -9.43 -6.31
N HIS B 49 -33.10 -8.89 -7.53
CA HIS B 49 -32.95 -7.44 -7.69
C HIS B 49 -34.05 -6.65 -7.03
N ILE B 50 -35.30 -7.08 -7.23
CA ILE B 50 -36.45 -6.49 -6.51
C ILE B 50 -36.27 -6.53 -4.98
N ASP B 51 -35.84 -7.67 -4.43
CA ASP B 51 -35.56 -7.74 -2.99
C ASP B 51 -34.52 -6.74 -2.53
N ARG B 52 -33.43 -6.63 -3.28
CA ARG B 52 -32.41 -5.64 -2.91
C ARG B 52 -32.99 -4.21 -2.97
N LEU B 53 -33.71 -3.90 -4.05
CA LEU B 53 -34.35 -2.58 -4.15
C LEU B 53 -35.22 -2.20 -2.91
N TYR B 54 -36.02 -3.16 -2.46
CA TYR B 54 -36.88 -2.93 -1.28
C TYR B 54 -36.08 -2.77 0.01
N ASP B 55 -35.01 -3.55 0.17
CA ASP B 55 -34.07 -3.36 1.24
C ASP B 55 -33.39 -1.99 1.20
N CYS B 56 -32.93 -1.53 0.03
CA CYS B 56 -32.29 -0.18 -0.01
C CYS B 56 -33.31 0.94 0.32
N ALA B 57 -34.52 0.79 -0.20
CA ALA B 57 -35.61 1.73 0.16
C ALA B 57 -35.87 1.74 1.68
N ARG B 58 -36.01 0.54 2.27
CA ARG B 58 -36.19 0.41 3.71
C ARG B 58 -35.06 1.12 4.47
N VAL B 59 -33.81 0.93 4.02
CA VAL B 59 -32.68 1.58 4.67
C VAL B 59 -32.82 3.14 4.67
N ILE B 60 -33.30 3.75 3.57
CA ILE B 60 -33.49 5.20 3.57
C ILE B 60 -34.92 5.60 4.01
N ASP B 61 -35.63 4.62 4.55
CA ASP B 61 -36.99 4.84 5.14
C ASP B 61 -37.95 5.36 4.05
N LEU B 62 -37.93 4.72 2.89
CA LEU B 62 -38.78 5.13 1.79
C LEU B 62 -39.75 3.95 1.46
N LYS B 63 -41.06 4.18 1.52
CA LYS B 63 -42.03 3.09 1.20
C LYS B 63 -42.31 3.13 -0.28
N ILE B 64 -42.03 2.03 -0.95
CA ILE B 64 -42.38 1.88 -2.35
C ILE B 64 -43.89 1.56 -2.48
N PRO B 65 -44.64 2.37 -3.23
CA PRO B 65 -46.12 2.24 -3.36
C PRO B 65 -46.58 1.16 -4.39
N LEU B 66 -45.88 0.02 -4.42
CA LEU B 66 -46.19 -1.13 -5.23
C LEU B 66 -45.67 -2.25 -4.36
N SER B 67 -46.37 -3.39 -4.37
CA SER B 67 -45.85 -4.61 -3.74
C SER B 67 -44.74 -5.14 -4.66
N LYS B 68 -43.93 -6.08 -4.18
CA LYS B 68 -42.84 -6.67 -5.02
C LYS B 68 -43.39 -7.29 -6.31
N GLU B 69 -44.53 -7.96 -6.13
CA GLU B 69 -45.22 -8.62 -7.24
C GLU B 69 -45.69 -7.62 -8.29
N GLU B 70 -46.28 -6.51 -7.88
CA GLU B 70 -46.59 -5.47 -8.89
C GLU B 70 -45.33 -4.85 -9.49
N PHE B 71 -44.22 -4.84 -8.72
CA PHE B 71 -43.00 -4.25 -9.25
C PHE B 71 -42.42 -5.16 -10.36
N ALA B 72 -42.42 -6.48 -10.12
CA ALA B 72 -42.05 -7.47 -11.14
C ALA B 72 -42.90 -7.33 -12.42
N GLU B 73 -44.22 -7.19 -12.25
CA GLU B 73 -45.15 -7.11 -13.39
C GLU B 73 -44.92 -5.85 -14.19
N ALA B 74 -44.64 -4.75 -13.49
CA ALA B 74 -44.35 -3.48 -14.14
C ALA B 74 -43.05 -3.52 -15.01
N ILE B 75 -42.06 -4.26 -14.54
CA ILE B 75 -40.79 -4.36 -15.27
C ILE B 75 -41.02 -5.20 -16.55
N LEU B 76 -41.67 -6.36 -16.36
CA LEU B 76 -42.08 -7.25 -17.42
C LEU B 76 -42.94 -6.54 -18.45
N GLU B 77 -43.91 -5.78 -17.97
CA GLU B 77 -44.75 -4.93 -18.79
C GLU B 77 -43.94 -3.96 -19.61
N THR B 78 -42.97 -3.28 -18.98
CA THR B 78 -42.21 -2.24 -19.69
C THR B 78 -41.38 -2.85 -20.82
N LEU B 79 -40.80 -4.02 -20.54
CA LEU B 79 -40.08 -4.82 -21.53
C LEU B 79 -40.99 -5.22 -22.71
N ARG B 80 -42.20 -5.69 -22.42
CA ARG B 80 -43.16 -6.08 -23.49
C ARG B 80 -43.57 -4.88 -24.32
N ARG B 81 -43.95 -3.81 -23.67
CA ARG B 81 -44.40 -2.64 -24.41
C ARG B 81 -43.35 -2.07 -25.35
N ASN B 82 -42.07 -2.35 -25.07
CA ASN B 82 -41.00 -1.84 -25.89
C ASN B 82 -40.50 -2.96 -26.79
N ASN B 83 -41.12 -4.12 -26.67
CA ASN B 83 -40.75 -5.33 -27.42
C ASN B 83 -39.27 -5.76 -27.33
N LEU B 84 -38.67 -5.63 -26.14
CA LEU B 84 -37.25 -5.98 -25.89
C LEU B 84 -37.01 -7.46 -25.67
N ARG B 85 -35.91 -7.98 -26.23
CA ARG B 85 -35.43 -9.31 -25.89
C ARG B 85 -34.17 -9.25 -24.99
N ASP B 86 -33.27 -8.31 -25.32
CA ASP B 86 -32.00 -8.08 -24.60
C ASP B 86 -32.01 -6.64 -24.17
N ALA B 87 -31.94 -6.43 -22.87
CA ALA B 87 -32.14 -5.08 -22.34
C ALA B 87 -31.39 -4.91 -21.04
N TYR B 88 -31.21 -3.67 -20.65
CA TYR B 88 -30.76 -3.32 -19.32
C TYR B 88 -31.92 -2.57 -18.75
N ILE B 89 -32.31 -3.00 -17.54
CA ILE B 89 -33.40 -2.31 -16.84
C ILE B 89 -32.89 -1.51 -15.59
N ARG B 90 -33.35 -0.27 -15.50
CA ARG B 90 -33.03 0.63 -14.39
C ARG B 90 -34.36 1.09 -13.75
N PRO B 91 -34.84 0.36 -12.76
CA PRO B 91 -35.92 0.84 -11.89
C PRO B 91 -35.33 1.89 -10.96
N ILE B 92 -36.10 2.91 -10.61
CA ILE B 92 -35.65 3.98 -9.73
C ILE B 92 -36.87 4.31 -8.87
N VAL B 93 -36.69 4.59 -7.56
CA VAL B 93 -37.81 5.02 -6.69
C VAL B 93 -37.30 6.20 -5.96
N THR B 94 -37.97 7.35 -6.13
CA THR B 94 -37.53 8.55 -5.42
C THR B 94 -38.51 8.95 -4.33
N ARG B 95 -38.07 9.87 -3.46
CA ARG B 95 -38.84 10.40 -2.35
C ARG B 95 -40.06 11.20 -2.89
N GLY B 96 -39.91 11.77 -4.10
CA GLY B 96 -40.94 12.60 -4.73
C GLY B 96 -40.79 14.04 -4.30
N ALA B 97 -41.76 14.89 -4.72
CA ALA B 97 -41.70 16.33 -4.40
C ALA B 97 -42.10 16.57 -2.97
N GLY B 98 -41.52 17.57 -2.32
CA GLY B 98 -41.96 17.96 -0.96
C GLY B 98 -41.82 19.49 -0.82
N ASP B 99 -41.35 20.00 0.31
CA ASP B 99 -40.87 21.40 0.29
C ASP B 99 -39.39 21.41 -0.20
N LEU B 100 -38.80 22.58 -0.41
CA LEU B 100 -37.48 22.65 -0.88
C LEU B 100 -36.48 22.02 0.08
N GLY B 101 -36.65 22.26 1.39
CA GLY B 101 -35.80 21.68 2.43
C GLY B 101 -35.65 20.14 2.36
N LEU B 102 -34.75 19.61 3.15
CA LEU B 102 -34.38 18.19 3.04
C LEU B 102 -35.31 17.16 3.75
N ASP B 103 -36.25 17.66 4.56
CA ASP B 103 -37.08 16.83 5.40
C ASP B 103 -38.06 15.91 4.61
N PRO B 104 -37.86 14.56 4.70
CA PRO B 104 -38.62 13.62 3.88
C PRO B 104 -40.08 13.47 4.36
N ARG B 105 -40.38 13.96 5.57
CA ARG B 105 -41.73 13.91 6.10
C ARG B 105 -42.64 14.81 5.25
N LYS B 106 -42.06 15.86 4.70
CA LYS B 106 -42.87 16.78 3.93
C LYS B 106 -43.08 16.26 2.49
N CYS B 107 -42.79 14.97 2.23
CA CYS B 107 -42.84 14.42 0.87
C CYS B 107 -43.86 13.33 0.77
N PRO B 108 -45.09 13.64 0.25
CA PRO B 108 -46.15 12.63 0.41
C PRO B 108 -46.14 11.49 -0.61
N SER B 109 -45.55 11.65 -1.80
CA SER B 109 -45.72 10.71 -2.90
C SER B 109 -44.45 10.27 -3.66
N PRO B 110 -43.94 9.06 -3.34
CA PRO B 110 -42.79 8.53 -4.09
C PRO B 110 -42.99 8.42 -5.61
N ASN B 111 -41.96 8.76 -6.42
CA ASN B 111 -42.00 8.42 -7.88
C ASN B 111 -41.35 7.11 -8.15
N VAL B 112 -42.04 6.33 -8.97
CA VAL B 112 -41.58 5.03 -9.45
C VAL B 112 -41.40 5.17 -10.94
N ILE B 113 -40.16 4.92 -11.39
CA ILE B 113 -39.71 5.01 -12.79
C ILE B 113 -39.01 3.72 -13.17
N ILE B 114 -39.24 3.24 -14.40
CA ILE B 114 -38.49 2.08 -14.93
C ILE B 114 -38.05 2.43 -16.34
N ILE B 115 -36.73 2.41 -16.51
CA ILE B 115 -36.10 2.65 -17.80
C ILE B 115 -35.68 1.31 -18.30
N THR B 116 -35.95 1.08 -19.59
CA THR B 116 -35.45 -0.08 -20.29
C THR B 116 -34.73 0.40 -21.55
N LYS B 117 -33.59 -0.20 -21.83
CA LYS B 117 -32.76 0.26 -22.93
C LYS B 117 -32.19 -0.99 -23.50
N PRO B 118 -32.03 -1.02 -24.85
CA PRO B 118 -31.32 -2.14 -25.48
C PRO B 118 -29.89 -2.24 -25.00
N TRP B 119 -29.40 -3.46 -24.93
CA TRP B 119 -28.13 -3.79 -24.28
C TRP B 119 -27.91 -5.29 -24.49
N GLY B 120 -26.72 -5.73 -24.90
CA GLY B 120 -25.52 -4.91 -25.04
C GLY B 120 -24.46 -5.62 -24.23
N LYS B 121 -23.72 -6.53 -24.86
CA LYS B 121 -22.45 -6.97 -24.29
C LYS B 121 -21.44 -5.95 -24.80
N LEU B 122 -20.51 -5.53 -23.92
CA LEU B 122 -19.43 -4.61 -24.28
C LEU B 122 -18.60 -5.19 -25.44
N TYR B 123 -18.48 -4.39 -26.50
CA TYR B 123 -17.61 -4.65 -27.66
C TYR B 123 -16.21 -5.08 -27.25
N GLY B 124 -15.75 -6.23 -27.76
CA GLY B 124 -14.33 -6.62 -27.62
C GLY B 124 -14.15 -8.02 -27.10
N ASP B 125 -13.06 -8.64 -27.45
CA ASP B 125 -12.86 -10.03 -27.11
C ASP B 125 -12.35 -10.06 -25.66
N LEU B 126 -13.31 -10.23 -24.77
CA LEU B 126 -13.01 -10.26 -23.35
C LEU B 126 -12.19 -11.46 -22.94
N TYR B 127 -12.01 -12.45 -23.84
CA TYR B 127 -11.10 -13.57 -23.53
C TYR B 127 -9.64 -13.23 -23.85
N GLU B 128 -9.42 -12.10 -24.55
CA GLU B 128 -8.05 -11.62 -24.92
C GLU B 128 -7.64 -10.32 -24.27
N LYS B 129 -8.57 -9.38 -24.17
CA LYS B 129 -8.24 -8.01 -23.76
C LYS B 129 -9.04 -7.67 -22.47
N GLY B 130 -8.38 -7.37 -21.36
CA GLY B 130 -9.06 -7.00 -20.10
C GLY B 130 -9.03 -5.50 -19.81
N LEU B 131 -9.60 -5.08 -18.69
CA LEU B 131 -9.56 -3.71 -18.23
C LEU B 131 -8.19 -3.36 -17.61
N LYS B 132 -7.80 -2.11 -17.81
CA LYS B 132 -6.72 -1.54 -17.03
C LYS B 132 -7.34 -0.81 -15.84
N ALA B 133 -7.03 -1.30 -14.62
CA ALA B 133 -7.62 -0.66 -13.43
C ALA B 133 -6.61 0.30 -12.73
N ILE B 134 -7.15 1.33 -12.05
CA ILE B 134 -6.42 2.35 -11.34
C ILE B 134 -6.98 2.30 -9.92
N THR B 135 -6.13 2.25 -8.91
CA THR B 135 -6.60 2.50 -7.54
C THR B 135 -6.69 4.01 -7.40
N VAL B 136 -7.75 4.44 -6.72
CA VAL B 136 -8.16 5.85 -6.65
C VAL B 136 -7.72 6.46 -5.30
N ALA B 137 -7.43 7.74 -5.24
CA ALA B 137 -7.10 8.40 -3.94
C ALA B 137 -8.33 8.51 -3.06
N ILE B 138 -9.47 8.79 -3.67
CA ILE B 138 -10.78 8.89 -3.00
C ILE B 138 -11.20 7.55 -2.39
N ARG B 139 -11.62 7.57 -1.13
CA ARG B 139 -12.03 6.33 -0.47
C ARG B 139 -13.50 6.06 -0.69
N ARG B 140 -13.91 4.80 -0.52
CA ARG B 140 -15.32 4.46 -0.64
C ARG B 140 -16.11 5.18 0.46
N ASN B 141 -17.33 5.65 0.15
CA ASN B 141 -18.31 6.08 1.13
C ASN B 141 -18.29 5.14 2.34
N ALA B 142 -18.12 5.71 3.51
CA ALA B 142 -18.02 4.92 4.77
C ALA B 142 -19.32 4.24 5.23
N ILE B 143 -19.18 3.09 5.88
CA ILE B 143 -20.35 2.36 6.32
C ILE B 143 -21.18 3.09 7.37
N ASP B 144 -20.61 4.04 8.06
CA ASP B 144 -21.48 4.83 8.95
C ASP B 144 -21.65 6.33 8.60
N SER B 145 -21.51 6.67 7.31
CA SER B 145 -21.82 8.01 6.75
C SER B 145 -22.84 7.87 5.68
N LEU B 146 -22.51 7.12 4.64
CA LEU B 146 -23.45 6.87 3.56
C LEU B 146 -23.25 5.38 3.17
N PRO B 147 -23.99 4.47 3.82
CA PRO B 147 -23.54 3.09 3.73
C PRO B 147 -23.50 2.62 2.25
N PRO B 148 -22.33 2.02 1.80
CA PRO B 148 -22.18 1.73 0.36
C PRO B 148 -23.14 0.64 -0.14
N ASN B 149 -23.63 -0.20 0.79
CA ASN B 149 -24.66 -1.18 0.45
C ASN B 149 -25.92 -0.59 -0.15
N ILE B 150 -26.16 0.72 0.06
CA ILE B 150 -27.39 1.31 -0.48
C ILE B 150 -27.15 1.63 -1.92
N LYS B 151 -27.92 1.01 -2.82
CA LYS B 151 -27.84 1.35 -4.24
C LYS B 151 -28.66 2.61 -4.48
N SER B 152 -28.06 3.77 -4.18
CA SER B 152 -28.88 4.97 -4.05
C SER B 152 -28.57 5.92 -5.19
N LEU B 153 -29.31 7.01 -5.26
CA LEU B 153 -29.07 8.02 -6.29
C LEU B 153 -27.91 8.93 -5.89
N ASN B 154 -27.31 8.70 -4.70
CA ASN B 154 -26.08 9.44 -4.29
C ASN B 154 -24.85 8.72 -4.86
N TYR B 155 -24.48 9.02 -6.12
CA TYR B 155 -23.37 8.30 -6.76
C TYR B 155 -22.15 9.17 -7.03
N LEU B 156 -22.09 10.30 -6.36
CA LEU B 156 -20.94 11.16 -6.59
C LEU B 156 -19.64 10.55 -6.08
N ASN B 157 -19.67 9.74 -5.02
CA ASN B 157 -18.43 9.06 -4.58
C ASN B 157 -17.89 8.25 -5.81
N ASN B 158 -18.77 7.50 -6.49
CA ASN B 158 -18.46 6.60 -7.62
C ASN B 158 -18.04 7.46 -8.83
N ILE B 159 -18.69 8.60 -9.01
CA ILE B 159 -18.37 9.45 -10.17
C ILE B 159 -17.00 10.10 -9.98
N LEU B 160 -16.71 10.55 -8.76
CA LEU B 160 -15.39 11.10 -8.47
C LEU B 160 -14.31 10.09 -8.76
N ALA B 161 -14.52 8.82 -8.36
CA ALA B 161 -13.53 7.78 -8.61
C ALA B 161 -13.38 7.58 -10.10
N LYS B 162 -14.52 7.60 -10.85
CA LYS B 162 -14.44 7.38 -12.28
C LYS B 162 -13.65 8.51 -12.94
N ILE B 163 -13.90 9.73 -12.49
CA ILE B 163 -13.19 10.92 -12.97
C ILE B 163 -11.68 10.75 -12.77
N GLU B 164 -11.24 10.20 -11.63
CA GLU B 164 -9.80 9.93 -11.45
C GLU B 164 -9.31 8.88 -12.47
N ALA B 165 -10.10 7.83 -12.66
CA ALA B 165 -9.72 6.79 -13.58
C ALA B 165 -9.54 7.36 -15.02
N ASN B 166 -10.50 8.15 -15.46
CA ASN B 166 -10.48 8.81 -16.74
C ASN B 166 -9.23 9.64 -16.95
N ALA B 167 -8.80 10.36 -15.91
CA ALA B 167 -7.65 11.23 -16.02
C ALA B 167 -6.36 10.40 -15.88
N LYS B 168 -6.39 9.18 -15.32
CA LYS B 168 -5.16 8.52 -14.92
C LYS B 168 -4.84 7.24 -15.70
N GLY B 169 -5.44 7.09 -16.88
CA GLY B 169 -5.21 5.96 -17.76
C GLY B 169 -5.93 4.66 -17.40
N GLY B 170 -6.97 4.73 -16.60
CA GLY B 170 -7.75 3.51 -16.25
C GLY B 170 -9.08 3.41 -16.98
N ASP B 171 -9.50 2.20 -17.32
CA ASP B 171 -10.92 1.90 -17.70
C ASP B 171 -11.82 1.74 -16.48
N GLU B 172 -11.22 1.33 -15.36
CA GLU B 172 -11.99 1.11 -14.11
C GLU B 172 -11.25 1.70 -12.89
N ALA B 173 -12.02 2.34 -12.00
CA ALA B 173 -11.51 2.87 -10.75
C ALA B 173 -11.69 1.81 -9.65
N ILE B 174 -10.65 1.54 -8.84
CA ILE B 174 -10.77 0.62 -7.70
C ILE B 174 -10.67 1.42 -6.40
N PHE B 175 -11.70 1.29 -5.54
CA PHE B 175 -11.75 1.96 -4.24
C PHE B 175 -11.12 1.11 -3.16
N LEU B 176 -10.40 1.77 -2.23
CA LEU B 176 -10.09 1.19 -0.89
C LEU B 176 -11.11 1.82 0.06
N ASP B 177 -11.21 1.31 1.29
CA ASP B 177 -12.03 1.98 2.30
C ASP B 177 -11.10 2.68 3.26
N HIS B 178 -11.68 3.32 4.26
CA HIS B 178 -10.89 4.13 5.18
C HIS B 178 -9.88 3.29 5.92
N ASN B 179 -10.15 2.01 6.07
CA ASN B 179 -9.22 1.12 6.73
C ASN B 179 -8.07 0.70 5.83
N GLY B 180 -8.03 1.07 4.54
CA GLY B 180 -6.98 0.50 3.64
C GLY B 180 -7.44 -0.82 3.01
N TYR B 181 -8.66 -1.26 3.32
CA TYR B 181 -9.17 -2.52 2.70
C TYR B 181 -9.60 -2.19 1.29
N ILE B 182 -9.32 -3.10 0.38
CA ILE B 182 -9.95 -3.03 -0.93
C ILE B 182 -11.46 -3.12 -0.76
N SER B 183 -12.17 -2.33 -1.55
CA SER B 183 -13.59 -2.28 -1.43
C SER B 183 -14.19 -2.86 -2.69
N GLU B 184 -14.08 -2.13 -3.81
CA GLU B 184 -14.70 -2.58 -5.08
C GLU B 184 -14.33 -1.59 -6.18
N GLY B 185 -14.74 -1.91 -7.40
CA GLY B 185 -14.63 -0.94 -8.52
C GLY B 185 -15.75 0.08 -8.34
N SER B 186 -15.80 1.13 -9.17
CA SER B 186 -16.75 2.21 -8.92
C SER B 186 -18.17 1.74 -9.15
N GLY B 187 -18.33 0.65 -9.94
CA GLY B 187 -19.68 0.06 -10.13
C GLY B 187 -19.74 -1.44 -10.14
N ASP B 188 -18.71 -2.14 -9.64
CA ASP B 188 -18.60 -3.58 -9.78
C ASP B 188 -17.81 -4.15 -8.60
N ASN B 189 -18.21 -5.30 -8.08
CA ASN B 189 -17.41 -5.97 -7.08
C ASN B 189 -16.12 -6.50 -7.63
N ILE B 190 -15.14 -6.74 -6.77
CA ILE B 190 -13.86 -7.19 -7.22
C ILE B 190 -13.48 -8.56 -6.62
N PHE B 191 -12.87 -9.42 -7.43
CA PHE B 191 -12.34 -10.69 -6.98
C PHE B 191 -10.87 -10.76 -7.41
N ILE B 192 -10.08 -11.52 -6.67
CA ILE B 192 -8.72 -11.83 -7.10
C ILE B 192 -8.53 -13.31 -7.12
N VAL B 193 -7.54 -13.79 -7.90
CA VAL B 193 -7.14 -15.21 -7.92
C VAL B 193 -5.65 -15.30 -7.63
N LYS B 194 -5.26 -16.23 -6.76
CA LYS B 194 -3.89 -16.28 -6.36
C LYS B 194 -3.67 -17.74 -5.99
N ASN B 195 -2.73 -18.35 -6.73
CA ASN B 195 -2.30 -19.74 -6.54
C ASN B 195 -3.47 -20.67 -6.56
N GLY B 196 -4.40 -20.41 -7.45
CA GLY B 196 -5.63 -21.25 -7.50
C GLY B 196 -6.75 -20.94 -6.47
N THR B 197 -6.53 -20.07 -5.48
CA THR B 197 -7.63 -19.69 -4.49
C THR B 197 -8.24 -18.33 -4.89
N ILE B 198 -9.55 -18.23 -4.89
CA ILE B 198 -10.22 -16.96 -5.17
C ILE B 198 -10.60 -16.25 -3.84
N THR B 199 -10.43 -14.93 -3.80
CA THR B 199 -10.75 -14.10 -2.64
C THR B 199 -11.54 -12.93 -3.11
N THR B 200 -12.58 -12.59 -2.36
CA THR B 200 -13.32 -11.37 -2.65
C THR B 200 -13.60 -10.69 -1.28
N PRO B 201 -13.66 -9.37 -1.24
CA PRO B 201 -13.93 -8.80 0.12
C PRO B 201 -15.32 -9.15 0.66
N PRO B 202 -15.50 -9.18 2.02
CA PRO B 202 -16.89 -9.18 2.48
C PRO B 202 -17.65 -7.95 1.95
N THR B 203 -18.97 -8.02 1.88
CA THR B 203 -19.68 -6.96 1.17
C THR B 203 -19.91 -5.73 2.03
N LEU B 204 -19.64 -5.84 3.33
CA LEU B 204 -19.90 -4.65 4.24
C LEU B 204 -19.37 -3.33 3.70
N ASN B 205 -18.10 -3.28 3.27
CA ASN B 205 -17.57 -1.98 2.79
C ASN B 205 -17.88 -1.68 1.32
N ASN B 206 -18.71 -2.51 0.67
CA ASN B 206 -18.96 -2.20 -0.74
C ASN B 206 -20.47 -2.37 -1.07
N LEU B 207 -20.86 -3.38 -1.81
CA LEU B 207 -22.28 -3.60 -2.10
C LEU B 207 -22.54 -5.09 -2.39
N LYS B 208 -23.71 -5.60 -1.99
CA LYS B 208 -23.99 -7.04 -2.03
C LYS B 208 -24.47 -7.39 -3.48
N GLY B 209 -23.51 -7.54 -4.36
CA GLY B 209 -23.79 -7.59 -5.82
C GLY B 209 -24.50 -8.90 -6.14
N ILE B 210 -25.44 -8.88 -7.05
CA ILE B 210 -26.14 -10.13 -7.47
C ILE B 210 -25.22 -10.90 -8.44
N THR B 211 -24.43 -10.18 -9.27
CA THR B 211 -23.42 -10.85 -10.11
C THR B 211 -22.41 -11.58 -9.23
N ARG B 212 -21.90 -10.87 -8.21
CA ARG B 212 -20.98 -11.44 -7.23
C ARG B 212 -21.57 -12.72 -6.63
N GLN B 213 -22.84 -12.64 -6.16
CA GLN B 213 -23.50 -13.85 -5.60
C GLN B 213 -23.51 -15.04 -6.57
N VAL B 214 -23.96 -14.80 -7.80
CA VAL B 214 -23.90 -15.87 -8.85
C VAL B 214 -22.48 -16.46 -9.04
N VAL B 215 -21.49 -15.56 -9.15
CA VAL B 215 -20.16 -16.03 -9.33
C VAL B 215 -19.65 -16.86 -8.20
N ILE B 216 -20.09 -16.51 -6.98
CA ILE B 216 -19.71 -17.33 -5.82
C ILE B 216 -20.33 -18.71 -5.96
N GLU B 217 -21.58 -18.75 -6.40
CA GLU B 217 -22.27 -20.07 -6.63
C GLU B 217 -21.53 -20.88 -7.74
N LEU B 218 -21.12 -20.22 -8.84
CA LEU B 218 -20.29 -20.90 -9.88
C LEU B 218 -19.00 -21.37 -9.32
N ILE B 219 -18.35 -20.51 -8.52
CA ILE B 219 -17.07 -20.95 -7.84
C ILE B 219 -17.23 -22.22 -7.02
N ASN B 220 -18.34 -22.32 -6.33
CA ASN B 220 -18.53 -23.46 -5.38
C ASN B 220 -18.89 -24.76 -6.15
N GLU B 221 -19.69 -24.63 -7.19
CA GLU B 221 -19.94 -25.74 -8.14
C GLU B 221 -18.65 -26.30 -8.67
N LEU B 222 -17.70 -25.42 -9.02
CA LEU B 222 -16.47 -25.84 -9.64
C LEU B 222 -15.49 -26.34 -8.63
N GLU B 223 -15.85 -26.19 -7.35
CA GLU B 223 -14.98 -26.54 -6.23
C GLU B 223 -13.63 -25.80 -6.26
N ILE B 224 -13.63 -24.54 -6.68
CA ILE B 224 -12.41 -23.76 -6.59
C ILE B 224 -12.31 -23.24 -5.16
N PRO B 225 -11.17 -23.46 -4.47
CA PRO B 225 -11.04 -22.91 -3.09
C PRO B 225 -11.38 -21.40 -3.08
N PHE B 226 -12.18 -20.99 -2.11
CA PHE B 226 -12.77 -19.67 -2.10
C PHE B 226 -12.71 -19.06 -0.70
N ARG B 227 -12.34 -17.78 -0.57
CA ARG B 227 -12.40 -17.07 0.76
C ARG B 227 -13.11 -15.74 0.53
N GLU B 228 -13.94 -15.37 1.49
CA GLU B 228 -14.46 -14.05 1.62
C GLU B 228 -13.62 -13.43 2.73
N ALA B 229 -12.70 -12.52 2.42
CA ALA B 229 -11.82 -11.95 3.47
C ALA B 229 -11.36 -10.57 2.99
N ASN B 230 -11.04 -9.71 3.94
CA ASN B 230 -10.46 -8.45 3.57
C ASN B 230 -9.07 -8.62 3.03
N ILE B 231 -8.74 -7.77 2.08
CA ILE B 231 -7.48 -7.78 1.40
C ILE B 231 -7.03 -6.35 1.18
N GLY B 232 -5.76 -6.18 0.90
CA GLY B 232 -5.23 -4.80 0.62
C GLY B 232 -4.42 -4.75 -0.66
N LEU B 233 -3.74 -3.63 -0.87
CA LEU B 233 -2.90 -3.41 -2.03
C LEU B 233 -1.91 -4.58 -2.30
N PHE B 234 -1.32 -5.16 -1.25
CA PHE B 234 -0.34 -6.21 -1.41
C PHE B 234 -1.00 -7.34 -2.18
N ASP B 235 -2.21 -7.70 -1.78
CA ASP B 235 -3.02 -8.74 -2.43
C ASP B 235 -3.31 -8.43 -3.89
N LEU B 236 -3.64 -7.18 -4.21
CA LEU B 236 -3.93 -6.82 -5.58
C LEU B 236 -2.70 -6.90 -6.49
N TYR B 237 -1.56 -6.42 -5.95
CA TYR B 237 -0.34 -6.24 -6.71
C TYR B 237 0.41 -7.58 -6.88
N SER B 238 0.03 -8.59 -6.09
CA SER B 238 0.56 -9.94 -6.21
C SER B 238 -0.40 -10.98 -6.87
N ALA B 239 -1.59 -10.57 -7.22
CA ALA B 239 -2.62 -11.53 -7.60
C ALA B 239 -2.22 -12.20 -8.95
N ASP B 240 -2.39 -13.52 -9.13
CA ASP B 240 -2.42 -14.12 -10.54
C ASP B 240 -3.49 -13.56 -11.48
N GLU B 241 -4.73 -13.37 -11.02
CA GLU B 241 -5.77 -12.82 -11.89
C GLU B 241 -6.59 -11.83 -11.02
N ILE B 242 -7.30 -10.90 -11.66
CA ILE B 242 -8.24 -10.02 -10.99
C ILE B 242 -9.35 -9.92 -12.00
N PHE B 243 -10.58 -9.88 -11.48
CA PHE B 243 -11.73 -9.51 -12.32
C PHE B 243 -12.80 -8.76 -11.48
N VAL B 244 -13.70 -8.00 -12.13
CA VAL B 244 -14.78 -7.32 -11.48
C VAL B 244 -16.11 -7.88 -12.02
N THR B 245 -17.20 -7.69 -11.28
CA THR B 245 -18.53 -8.26 -11.55
C THR B 245 -19.57 -7.25 -11.31
N GLY B 246 -20.55 -7.16 -12.21
CA GLY B 246 -21.70 -6.28 -12.01
C GLY B 246 -22.70 -6.59 -13.13
N THR B 247 -23.94 -6.10 -13.01
CA THR B 247 -24.98 -6.46 -14.00
C THR B 247 -24.60 -6.05 -15.40
N ALA B 248 -24.13 -4.81 -15.56
CA ALA B 248 -23.88 -4.26 -16.90
C ALA B 248 -22.68 -4.88 -17.63
N ALA B 249 -21.73 -5.39 -16.88
CA ALA B 249 -20.43 -5.73 -17.36
C ALA B 249 -20.20 -7.22 -17.20
N GLU B 250 -21.01 -7.88 -16.37
CA GLU B 250 -20.90 -9.30 -16.16
C GLU B 250 -19.52 -9.51 -15.50
N ILE B 251 -18.74 -10.48 -15.97
CA ILE B 251 -17.42 -10.72 -15.42
C ILE B 251 -16.42 -10.03 -16.34
N ALA B 252 -15.71 -9.04 -15.80
CA ALA B 252 -14.76 -8.29 -16.61
C ALA B 252 -13.31 -8.50 -16.13
N PRO B 253 -12.47 -9.20 -16.96
CA PRO B 253 -11.06 -9.40 -16.53
C PRO B 253 -10.37 -8.03 -16.34
N VAL B 254 -9.47 -7.99 -15.36
CA VAL B 254 -8.75 -6.78 -15.08
C VAL B 254 -7.30 -7.22 -15.32
N THR B 255 -6.69 -6.73 -16.39
CA THR B 255 -5.36 -7.29 -16.78
C THR B 255 -4.24 -6.39 -16.39
N TYR B 256 -4.56 -5.13 -16.04
CA TYR B 256 -3.50 -4.27 -15.47
C TYR B 256 -4.05 -3.53 -14.25
N ILE B 257 -3.20 -3.35 -13.25
CA ILE B 257 -3.58 -2.64 -12.03
C ILE B 257 -2.46 -1.59 -11.74
N ASP B 258 -2.86 -0.31 -11.75
CA ASP B 258 -1.95 0.82 -11.59
C ASP B 258 -0.78 0.61 -12.54
N GLY B 259 -1.11 0.29 -13.80
CA GLY B 259 -0.15 -0.09 -14.85
C GLY B 259 0.70 -1.37 -14.70
N ARG B 260 0.72 -2.02 -13.50
CA ARG B 260 1.34 -3.34 -13.30
C ARG B 260 0.56 -4.39 -14.08
N THR B 261 1.29 -5.24 -14.80
CA THR B 261 0.72 -6.36 -15.57
C THR B 261 0.21 -7.39 -14.61
N VAL B 262 -1.02 -7.81 -14.80
CA VAL B 262 -1.50 -8.93 -14.02
C VAL B 262 -1.26 -10.25 -14.81
N GLY B 263 -0.56 -11.22 -14.23
CA GLY B 263 -0.24 -12.52 -14.91
C GLY B 263 0.50 -12.09 -16.19
N ASN B 264 -0.04 -12.45 -17.35
CA ASN B 264 0.60 -12.15 -18.59
C ASN B 264 -0.09 -11.04 -19.33
N GLY B 265 -1.00 -10.35 -18.67
CA GLY B 265 -1.63 -9.20 -19.34
C GLY B 265 -2.82 -9.64 -20.14
N LYS B 266 -3.15 -10.95 -20.08
CA LYS B 266 -4.35 -11.49 -20.80
C LYS B 266 -5.27 -12.10 -19.77
N PRO B 267 -6.59 -12.17 -20.05
CA PRO B 267 -7.49 -12.76 -19.07
C PRO B 267 -7.02 -14.11 -18.62
N GLY B 268 -7.11 -14.38 -17.33
CA GLY B 268 -6.55 -15.62 -16.74
C GLY B 268 -7.49 -16.79 -16.91
N LYS B 269 -6.97 -17.98 -16.64
CA LYS B 269 -7.75 -19.17 -16.93
C LYS B 269 -8.97 -19.39 -16.01
N VAL B 270 -8.86 -19.08 -14.71
CA VAL B 270 -10.06 -19.17 -13.81
C VAL B 270 -11.08 -18.14 -14.24
N THR B 271 -10.66 -16.87 -14.44
CA THR B 271 -11.60 -15.89 -14.98
C THR B 271 -12.33 -16.37 -16.25
N LYS B 272 -11.58 -16.98 -17.19
CA LYS B 272 -12.17 -17.27 -18.50
C LYS B 272 -13.22 -18.37 -18.33
N MET B 273 -12.89 -19.34 -17.52
CA MET B 273 -13.80 -20.43 -17.20
C MET B 273 -15.10 -19.89 -16.54
N LEU B 274 -14.92 -18.97 -15.56
CA LEU B 274 -16.07 -18.36 -14.91
C LEU B 274 -16.82 -17.57 -15.89
N MET B 275 -16.16 -16.92 -16.86
CA MET B 275 -16.98 -16.12 -17.77
C MET B 275 -17.93 -17.02 -18.60
N GLU B 276 -17.38 -18.19 -18.93
CA GLU B 276 -18.01 -19.19 -19.78
C GLU B 276 -19.23 -19.79 -19.08
N LYS B 277 -19.01 -20.24 -17.83
CA LYS B 277 -20.10 -20.74 -16.95
C LYS B 277 -21.16 -19.68 -16.66
N PHE B 278 -20.73 -18.46 -16.39
CA PHE B 278 -21.69 -17.38 -16.23
C PHE B 278 -22.58 -17.14 -17.45
N ARG B 279 -21.98 -17.14 -18.66
CA ARG B 279 -22.79 -16.85 -19.89
C ARG B 279 -23.83 -17.95 -20.07
N GLU B 280 -23.44 -19.20 -19.81
CA GLU B 280 -24.36 -20.34 -19.76
C GLU B 280 -25.54 -20.08 -18.82
N ARG B 281 -25.27 -19.76 -17.55
CA ARG B 281 -26.33 -19.49 -16.55
C ARG B 281 -27.34 -18.50 -17.03
N THR B 282 -26.86 -17.54 -17.77
CA THR B 282 -27.60 -16.41 -18.26
C THR B 282 -28.57 -16.84 -19.36
N GLU B 283 -28.27 -17.99 -19.98
CA GLU B 283 -29.12 -18.58 -21.04
C GLU B 283 -30.19 -19.53 -20.46
N ASN B 284 -29.86 -20.15 -19.34
CA ASN B 284 -30.61 -21.20 -18.67
C ASN B 284 -31.51 -20.80 -17.49
N GLU B 285 -31.47 -19.53 -17.07
CA GLU B 285 -32.21 -19.01 -15.87
C GLU B 285 -32.92 -17.75 -16.22
N GLY B 286 -33.91 -17.32 -15.44
CA GLY B 286 -34.56 -16.05 -15.78
C GLY B 286 -36.06 -16.14 -15.89
N VAL B 287 -36.72 -14.99 -15.76
CA VAL B 287 -38.17 -14.88 -15.77
C VAL B 287 -38.58 -14.52 -17.20
N GLU B 288 -39.38 -15.42 -17.82
CA GLU B 288 -39.89 -15.22 -19.21
C GLU B 288 -40.66 -13.95 -19.29
N ILE B 289 -40.36 -13.12 -20.28
CA ILE B 289 -41.10 -11.90 -20.59
C ILE B 289 -42.42 -12.21 -21.41
N TYR B 290 -42.40 -13.31 -22.19
CA TYR B 290 -43.44 -13.57 -23.21
C TYR B 290 -44.02 -14.97 -23.03
N SER C 1 40.18 13.53 -11.42
CA SER C 1 39.07 13.29 -12.39
C SER C 1 37.82 12.82 -11.59
N GLU C 2 37.66 11.50 -11.42
CA GLU C 2 36.47 10.87 -10.82
C GLU C 2 36.02 11.47 -9.46
N LEU C 3 34.71 11.76 -9.31
CA LEU C 3 34.15 12.27 -8.05
C LEU C 3 34.52 11.40 -6.87
N LEU C 4 34.81 12.03 -5.73
CA LEU C 4 35.12 11.26 -4.51
C LEU C 4 33.93 11.30 -3.51
N VAL C 5 33.76 10.21 -2.77
CA VAL C 5 32.72 10.08 -1.80
C VAL C 5 33.36 10.05 -0.43
N TYR C 6 32.91 10.90 0.48
CA TYR C 6 33.29 10.80 1.90
C TYR C 6 32.69 9.53 2.50
N MET C 7 33.54 8.70 3.10
CA MET C 7 33.19 7.44 3.71
C MET C 7 34.06 7.31 4.94
N ASN C 8 33.48 7.68 6.07
CA ASN C 8 34.13 7.57 7.37
C ASN C 8 35.51 8.27 7.46
N GLY C 9 35.62 9.44 6.85
CA GLY C 9 36.85 10.21 6.89
C GLY C 9 37.77 10.01 5.70
N GLU C 10 37.70 8.83 5.06
CA GLU C 10 38.36 8.52 3.78
C GLU C 10 37.60 9.16 2.61
N PHE C 11 38.31 9.56 1.56
CA PHE C 11 37.67 10.04 0.37
C PHE C 11 37.90 9.05 -0.74
N VAL C 12 36.83 8.35 -1.15
CA VAL C 12 36.96 7.25 -2.08
C VAL C 12 36.26 7.54 -3.40
N PRO C 13 36.91 7.17 -4.56
CA PRO C 13 36.31 7.35 -5.90
C PRO C 13 34.93 6.76 -5.94
N GLU C 14 33.98 7.48 -6.54
CA GLU C 14 32.55 7.12 -6.73
C GLU C 14 32.28 5.62 -6.96
N SER C 15 32.74 5.11 -8.11
CA SER C 15 32.70 3.69 -8.52
C SER C 15 33.29 2.72 -7.49
N GLN C 16 33.95 3.21 -6.48
CA GLN C 16 34.48 2.26 -5.48
C GLN C 16 33.83 2.48 -4.11
N ALA C 17 32.95 3.46 -4.04
CA ALA C 17 32.30 3.80 -2.79
C ALA C 17 31.15 2.77 -2.51
N LYS C 18 31.31 1.94 -1.48
CA LYS C 18 30.53 0.74 -1.29
C LYS C 18 30.39 0.46 0.17
N VAL C 19 29.32 -0.18 0.59
CA VAL C 19 29.22 -0.48 2.03
C VAL C 19 29.06 -1.98 2.18
N SER C 20 29.51 -2.56 3.29
CA SER C 20 29.24 -4.00 3.58
C SER C 20 27.75 -4.31 3.41
N VAL C 21 27.41 -5.42 2.75
CA VAL C 21 25.99 -5.82 2.66
C VAL C 21 25.37 -6.11 4.05
N PHE C 22 26.23 -6.25 5.06
CA PHE C 22 25.82 -6.44 6.45
C PHE C 22 25.48 -5.16 7.22
N ASP C 23 25.77 -4.01 6.63
CA ASP C 23 25.27 -2.73 7.15
C ASP C 23 23.70 -2.73 7.24
N HIS C 24 23.19 -2.43 8.43
CA HIS C 24 21.75 -2.39 8.68
C HIS C 24 21.07 -1.30 7.89
N GLY C 25 21.87 -0.31 7.47
CA GLY C 25 21.40 0.68 6.53
C GLY C 25 20.97 -0.01 5.25
N PHE C 26 21.63 -1.11 4.89
CA PHE C 26 21.36 -1.75 3.62
C PHE C 26 20.29 -2.80 3.85
N LEU C 27 20.45 -3.55 4.94
CA LEU C 27 19.56 -4.69 5.20
C LEU C 27 18.13 -4.26 5.54
N TYR C 28 18.02 -3.09 6.18
CA TYR C 28 16.78 -2.65 6.83
C TYR C 28 16.43 -1.17 6.68
N GLY C 29 17.19 -0.46 5.83
CA GLY C 29 17.11 1.01 5.67
C GLY C 29 17.26 1.73 7.00
N ASP C 30 18.04 1.14 7.89
CA ASP C 30 18.27 1.70 9.22
C ASP C 30 19.33 2.83 9.21
N GLY C 31 18.89 4.05 8.89
CA GLY C 31 19.76 5.18 8.82
C GLY C 31 18.95 6.39 8.42
N VAL C 32 19.60 7.57 8.28
CA VAL C 32 18.94 8.83 7.92
C VAL C 32 19.74 9.53 6.85
N PHE C 33 19.12 10.48 6.13
CA PHE C 33 19.84 11.12 5.08
C PHE C 33 19.39 12.57 5.00
N GLU C 34 20.15 13.38 4.29
CA GLU C 34 19.74 14.73 4.00
C GLU C 34 19.92 15.04 2.52
N GLY C 35 19.41 16.19 2.10
CA GLY C 35 19.63 16.64 0.78
C GLY C 35 19.90 18.13 0.91
N ILE C 36 20.98 18.61 0.27
CA ILE C 36 21.55 19.95 0.44
C ILE C 36 22.03 20.46 -0.95
N ARG C 37 21.69 21.70 -1.28
CA ARG C 37 22.23 22.38 -2.49
C ARG C 37 23.42 23.30 -2.21
N ALA C 38 24.43 23.28 -3.10
CA ALA C 38 25.45 24.37 -3.16
C ALA C 38 25.17 25.18 -4.40
N TYR C 39 25.11 26.52 -4.26
CA TYR C 39 24.81 27.42 -5.37
C TYR C 39 26.02 28.34 -5.50
N ASN C 40 26.67 28.32 -6.67
CA ASN C 40 27.78 29.24 -6.92
C ASN C 40 28.83 29.35 -5.76
N GLY C 41 29.29 28.22 -5.23
CA GLY C 41 30.31 28.23 -4.16
C GLY C 41 29.81 28.32 -2.72
N LYS C 42 28.50 28.52 -2.50
CA LYS C 42 27.96 28.57 -1.11
C LYS C 42 26.98 27.41 -0.90
N VAL C 43 26.97 26.85 0.30
CA VAL C 43 26.01 25.80 0.67
C VAL C 43 24.76 26.49 1.31
N PHE C 44 23.60 26.31 0.69
CA PHE C 44 22.35 26.90 1.19
C PHE C 44 21.80 26.14 2.43
N LYS C 45 21.60 26.81 3.57
CA LYS C 45 20.85 26.23 4.66
C LYS C 45 21.55 25.03 5.19
N LEU C 46 22.89 25.04 5.13
CA LEU C 46 23.73 23.96 5.65
C LEU C 46 23.35 23.46 7.08
N TYR C 47 23.28 24.44 8.00
CA TYR C 47 23.10 24.12 9.41
C TYR C 47 21.62 23.75 9.68
N GLU C 48 20.65 24.32 8.98
CA GLU C 48 19.29 23.73 9.09
C GLU C 48 19.24 22.24 8.67
N HIS C 49 19.91 21.88 7.56
CA HIS C 49 20.02 20.43 7.19
C HIS C 49 20.75 19.55 8.16
N ILE C 50 21.88 20.03 8.68
CA ILE C 50 22.60 19.25 9.69
C ILE C 50 21.79 19.08 10.96
N ASP C 51 21.11 20.14 11.40
CA ASP C 51 20.30 19.99 12.62
C ASP C 51 19.20 18.98 12.42
N ARG C 52 18.55 19.03 11.29
CA ARG C 52 17.49 18.04 11.02
C ARG C 52 18.09 16.64 11.02
N LEU C 53 19.22 16.45 10.32
CA LEU C 53 19.87 15.10 10.36
C LEU C 53 20.04 14.55 11.76
N TYR C 54 20.58 15.38 12.66
CA TYR C 54 20.83 14.99 14.04
C TYR C 54 19.48 14.73 14.79
N ASP C 55 18.47 15.55 14.51
CA ASP C 55 17.14 15.23 15.08
C ASP C 55 16.64 13.84 14.60
N CYS C 56 16.73 13.59 13.32
CA CYS C 56 16.25 12.32 12.74
C CYS C 56 16.98 11.15 13.29
N ALA C 57 18.31 11.30 13.41
CA ALA C 57 19.13 10.25 14.04
C ALA C 57 18.66 10.05 15.49
N ARG C 58 18.44 11.15 16.20
CA ARG C 58 18.00 11.01 17.59
C ARG C 58 16.65 10.22 17.70
N VAL C 59 15.75 10.53 16.77
CA VAL C 59 14.42 9.90 16.79
C VAL C 59 14.58 8.40 16.58
N ILE C 60 15.53 8.01 15.73
CA ILE C 60 15.85 6.57 15.56
C ILE C 60 16.92 6.02 16.53
N ASP C 61 17.23 6.83 17.54
CA ASP C 61 18.20 6.39 18.59
C ASP C 61 19.55 6.00 18.01
N LEU C 62 20.04 6.79 17.06
CA LEU C 62 21.33 6.50 16.43
C LEU C 62 22.31 7.59 16.81
N LYS C 63 23.47 7.24 17.34
CA LYS C 63 24.48 8.30 17.63
C LYS C 63 25.34 8.61 16.40
N ILE C 64 25.27 9.79 15.84
CA ILE C 64 26.17 10.13 14.76
C ILE C 64 27.56 10.34 15.38
N PRO C 65 28.63 9.67 14.88
CA PRO C 65 29.93 9.79 15.58
C PRO C 65 30.77 10.98 15.08
N LEU C 66 30.19 12.15 15.02
CA LEU C 66 30.85 13.38 14.59
C LEU C 66 30.02 14.41 15.28
N SER C 67 30.65 15.48 15.77
CA SER C 67 29.93 16.58 16.36
C SER C 67 29.26 17.26 15.18
N LYS C 68 28.30 18.15 15.44
CA LYS C 68 27.68 18.84 14.30
C LYS C 68 28.69 19.64 13.52
N GLU C 69 29.64 20.21 14.26
CA GLU C 69 30.69 21.06 13.69
C GLU C 69 31.60 20.26 12.73
N GLU C 70 32.11 19.11 13.18
CA GLU C 70 32.85 18.20 12.28
C GLU C 70 32.02 17.79 11.04
N PHE C 71 30.72 17.51 11.25
CA PHE C 71 29.82 17.15 10.12
C PHE C 71 29.81 18.28 9.12
N ALA C 72 29.64 19.54 9.56
CA ALA C 72 29.63 20.66 8.57
C ALA C 72 30.97 20.73 7.81
N GLU C 73 32.07 20.41 8.48
CA GLU C 73 33.40 20.61 7.88
C GLU C 73 33.66 19.50 6.83
N ALA C 74 33.22 18.28 7.17
CA ALA C 74 33.22 17.10 6.27
C ALA C 74 32.42 17.40 4.99
N ILE C 75 31.23 17.98 5.15
CA ILE C 75 30.46 18.43 3.95
C ILE C 75 31.25 19.43 3.09
N LEU C 76 31.82 20.47 3.70
CA LEU C 76 32.59 21.46 2.94
C LEU C 76 33.90 20.87 2.26
N GLU C 77 34.65 20.08 3.01
CA GLU C 77 35.82 19.38 2.52
C GLU C 77 35.50 18.47 1.30
N THR C 78 34.38 17.73 1.39
CA THR C 78 33.96 16.86 0.32
C THR C 78 33.68 17.68 -0.93
N LEU C 79 33.00 18.80 -0.76
CA LEU C 79 32.82 19.66 -1.93
C LEU C 79 34.17 20.20 -2.50
N ARG C 80 35.10 20.57 -1.59
CA ARG C 80 36.38 21.20 -1.97
C ARG C 80 37.19 20.16 -2.74
N ARG C 81 37.39 18.97 -2.14
CA ARG C 81 38.06 17.84 -2.78
C ARG C 81 37.59 17.57 -4.19
N ASN C 82 36.30 17.79 -4.46
CA ASN C 82 35.72 17.54 -5.80
C ASN C 82 35.66 18.78 -6.63
N ASN C 83 36.16 19.90 -6.12
CA ASN C 83 36.10 21.16 -6.85
C ASN C 83 34.71 21.59 -7.30
N LEU C 84 33.69 21.28 -6.50
CA LEU C 84 32.31 21.65 -6.84
C LEU C 84 31.96 23.05 -6.36
N ARG C 85 31.14 23.74 -7.16
CA ARG C 85 30.54 25.03 -6.78
C ARG C 85 28.99 24.98 -6.80
N ASP C 86 28.43 24.33 -7.83
CA ASP C 86 27.00 24.09 -7.97
C ASP C 86 26.78 22.60 -7.83
N ALA C 87 26.15 22.16 -6.75
CA ALA C 87 26.18 20.75 -6.41
C ALA C 87 24.92 20.33 -5.62
N TYR C 88 24.71 19.02 -5.50
CA TYR C 88 23.65 18.47 -4.68
C TYR C 88 24.41 17.57 -3.78
N ILE C 89 24.07 17.61 -2.50
CA ILE C 89 24.82 16.88 -1.49
C ILE C 89 23.89 15.92 -0.75
N ARG C 90 24.36 14.71 -0.53
CA ARG C 90 23.57 13.67 0.13
C ARG C 90 24.39 13.02 1.24
N PRO C 91 24.32 13.58 2.48
CA PRO C 91 24.81 12.92 3.66
C PRO C 91 23.91 11.76 4.10
N ILE C 92 24.52 10.71 4.64
CA ILE C 92 23.79 9.58 5.08
C ILE C 92 24.47 9.06 6.33
N VAL C 93 23.69 8.75 7.37
CA VAL C 93 24.28 8.03 8.49
C VAL C 93 23.54 6.72 8.70
N THR C 94 24.28 5.61 8.85
CA THR C 94 23.61 4.35 8.99
C THR C 94 23.95 3.74 10.29
N ARG C 95 23.17 2.75 10.69
CA ARG C 95 23.44 1.98 11.92
C ARG C 95 24.83 1.26 11.92
N GLY C 96 25.37 0.93 10.75
CA GLY C 96 26.57 0.09 10.65
C GLY C 96 26.21 -1.41 10.69
N ALA C 97 27.20 -2.27 10.52
CA ALA C 97 27.02 -3.75 10.52
C ALA C 97 26.69 -4.26 11.91
N GLY C 98 25.98 -5.40 12.02
CA GLY C 98 25.65 -6.02 13.32
C GLY C 98 25.63 -7.53 13.08
N ASP C 99 24.66 -8.24 13.67
CA ASP C 99 24.28 -9.55 13.09
C ASP C 99 23.13 -9.41 12.10
N LEU C 100 22.57 -10.52 11.63
CA LEU C 100 21.49 -10.49 10.63
C LEU C 100 20.08 -10.11 11.16
N GLY C 101 19.90 -10.10 12.48
CA GLY C 101 18.61 -9.71 13.10
C GLY C 101 18.43 -8.19 13.21
N LEU C 102 17.27 -7.77 13.69
CA LEU C 102 16.86 -6.37 13.80
C LEU C 102 17.62 -5.54 14.82
N ASP C 103 18.14 -6.18 15.85
CA ASP C 103 18.54 -5.49 17.12
C ASP C 103 19.66 -4.49 16.92
N PRO C 104 19.37 -3.18 17.06
CA PRO C 104 20.43 -2.19 16.83
C PRO C 104 21.56 -2.23 17.89
N ARG C 105 21.27 -2.76 19.08
CA ARG C 105 22.32 -2.90 20.12
C ARG C 105 23.55 -3.70 19.68
N LYS C 106 23.44 -4.49 18.62
CA LYS C 106 24.55 -5.33 18.17
C LYS C 106 25.37 -4.61 17.10
N CYS C 107 25.05 -3.33 16.88
CA CYS C 107 25.72 -2.58 15.80
C CYS C 107 26.67 -1.56 16.42
N PRO C 108 27.97 -1.93 16.59
CA PRO C 108 28.81 -1.03 17.41
C PRO C 108 29.18 0.26 16.69
N SER C 109 29.22 0.29 15.34
CA SER C 109 29.77 1.44 14.60
C SER C 109 29.01 1.94 13.41
N PRO C 110 28.37 3.12 13.53
CA PRO C 110 27.69 3.77 12.38
C PRO C 110 28.62 4.09 11.21
N ASN C 111 28.15 4.02 9.94
CA ASN C 111 28.88 4.58 8.79
C ASN C 111 28.35 5.92 8.47
N VAL C 112 29.26 6.82 8.15
CA VAL C 112 28.95 8.20 7.77
C VAL C 112 29.47 8.30 6.35
N ILE C 113 28.59 8.80 5.48
CA ILE C 113 28.77 8.85 4.04
C ILE C 113 28.25 10.20 3.54
N ILE C 114 29.00 10.88 2.68
CA ILE C 114 28.54 12.11 2.05
C ILE C 114 28.81 12.04 0.53
N ILE C 115 27.75 12.08 -0.25
CA ILE C 115 27.84 12.03 -1.71
C ILE C 115 27.69 13.44 -2.18
N THR C 116 28.54 13.83 -3.13
CA THR C 116 28.32 15.11 -3.87
C THR C 116 28.24 14.90 -5.39
N LYS C 117 27.30 15.58 -6.01
CA LYS C 117 27.07 15.45 -7.42
C LYS C 117 27.04 16.83 -7.99
N PRO C 118 27.55 17.03 -9.22
CA PRO C 118 27.41 18.35 -9.85
C PRO C 118 25.95 18.59 -10.04
N TRP C 119 25.54 19.85 -10.12
CA TRP C 119 24.16 20.10 -10.39
C TRP C 119 23.89 20.33 -11.88
N LEU C 126 10.85 23.67 -11.03
CA LEU C 126 10.47 24.94 -11.67
C LEU C 126 9.78 24.88 -13.07
N TYR C 127 10.51 25.21 -14.15
CA TYR C 127 9.98 25.40 -15.52
C TYR C 127 8.94 26.51 -15.57
N GLU C 128 8.81 27.11 -16.75
CA GLU C 128 7.68 27.97 -17.09
C GLU C 128 6.47 27.14 -17.57
N LYS C 129 6.64 25.80 -17.61
CA LYS C 129 5.56 24.87 -17.97
C LYS C 129 4.76 24.41 -16.72
N GLY C 130 5.45 23.98 -15.64
CA GLY C 130 4.81 23.35 -14.45
C GLY C 130 4.61 21.83 -14.43
N LEU C 131 4.52 21.23 -13.22
CA LEU C 131 4.37 19.78 -13.04
C LEU C 131 2.92 19.32 -13.12
N LYS C 132 2.72 18.11 -13.62
CA LYS C 132 1.38 17.49 -13.54
C LYS C 132 1.38 16.63 -12.29
N ALA C 133 0.48 16.91 -11.32
CA ALA C 133 0.48 16.16 -10.04
C ALA C 133 -0.63 15.12 -10.06
N ILE C 134 -0.37 14.00 -9.41
CA ILE C 134 -1.34 12.92 -9.34
C ILE C 134 -1.55 12.57 -7.90
N THR C 135 -2.78 12.49 -7.52
CA THR C 135 -3.14 12.07 -6.15
C THR C 135 -3.07 10.55 -6.10
N VAL C 136 -2.42 9.97 -5.08
CA VAL C 136 -2.19 8.50 -5.06
C VAL C 136 -3.12 7.76 -4.06
N ALA C 137 -3.33 6.47 -4.30
CA ALA C 137 -4.14 5.62 -3.49
C ALA C 137 -3.37 5.30 -2.24
N ILE C 138 -2.06 5.07 -2.35
CA ILE C 138 -1.24 4.79 -1.15
C ILE C 138 -1.21 6.04 -0.22
N ARG C 139 -1.34 5.83 1.09
CA ARG C 139 -1.34 6.96 2.08
C ARG C 139 0.05 7.19 2.65
N ARG C 140 0.31 8.40 3.16
CA ARG C 140 1.61 8.66 3.76
C ARG C 140 1.90 7.75 4.94
N ASN C 141 3.13 7.36 5.20
CA ASN C 141 3.43 6.64 6.44
C ASN C 141 2.82 7.39 7.66
N ALA C 142 2.29 6.63 8.61
CA ALA C 142 1.51 7.25 9.69
C ALA C 142 2.45 7.77 10.81
N ILE C 143 2.00 8.86 11.46
CA ILE C 143 2.83 9.48 12.55
C ILE C 143 3.09 8.52 13.71
N ASP C 144 2.29 7.48 13.83
CA ASP C 144 2.57 6.56 14.89
C ASP C 144 3.02 5.16 14.46
N SER C 145 3.51 5.03 13.23
CA SER C 145 4.10 3.77 12.79
C SER C 145 5.50 4.00 12.24
N LEU C 146 5.61 4.89 11.28
CA LEU C 146 6.91 5.23 10.77
C LEU C 146 6.88 6.79 10.54
N PRO C 147 7.14 7.57 11.60
CA PRO C 147 6.82 8.98 11.49
C PRO C 147 7.44 9.61 10.25
N PRO C 148 6.61 10.31 9.44
CA PRO C 148 7.13 10.83 8.18
C PRO C 148 8.12 11.99 8.36
N ASN C 149 8.13 12.63 9.54
CA ASN C 149 9.14 13.68 9.77
C ASN C 149 10.58 13.09 9.75
N ILE C 150 10.75 11.77 9.98
CA ILE C 150 12.11 11.16 9.93
C ILE C 150 12.54 11.04 8.48
N LYS C 151 13.56 11.79 8.07
CA LYS C 151 14.06 11.63 6.69
C LYS C 151 15.01 10.41 6.77
N SER C 152 14.42 9.22 6.71
CA SER C 152 15.17 8.00 6.94
C SER C 152 15.43 7.29 5.60
N LEU C 153 16.18 6.21 5.65
CA LEU C 153 16.44 5.49 4.42
C LEU C 153 15.28 4.55 4.11
N ASN C 154 14.19 4.52 4.92
CA ASN C 154 12.96 3.78 4.57
C ASN C 154 12.12 4.60 3.64
N TYR C 155 12.43 4.54 2.35
CA TYR C 155 11.73 5.40 1.39
C TYR C 155 10.76 4.65 0.44
N LEU C 156 10.38 3.45 0.85
CA LEU C 156 9.48 2.66 -0.06
C LEU C 156 8.02 3.18 -0.14
N ASN C 157 7.52 3.78 0.95
CA ASN C 157 6.26 4.56 0.91
C ASN C 157 6.29 5.53 -0.26
N ASN C 158 7.35 6.32 -0.29
CA ASN C 158 7.59 7.31 -1.36
C ASN C 158 7.76 6.70 -2.72
N ILE C 159 8.52 5.62 -2.79
CA ILE C 159 8.70 4.89 -4.12
C ILE C 159 7.35 4.30 -4.66
N LEU C 160 6.57 3.72 -3.77
CA LEU C 160 5.23 3.18 -4.19
C LEU C 160 4.42 4.30 -4.75
N ALA C 161 4.47 5.46 -4.08
CA ALA C 161 3.69 6.58 -4.60
C ALA C 161 4.28 7.00 -5.95
N LYS C 162 5.61 6.99 -6.08
CA LYS C 162 6.22 7.47 -7.33
C LYS C 162 5.86 6.48 -8.46
N ILE C 163 5.84 5.17 -8.12
CA ILE C 163 5.38 4.14 -9.09
C ILE C 163 3.95 4.47 -9.60
N GLU C 164 3.06 4.87 -8.69
CA GLU C 164 1.72 5.18 -9.10
C GLU C 164 1.73 6.39 -10.02
N ALA C 165 2.49 7.43 -9.64
CA ALA C 165 2.48 8.65 -10.45
C ALA C 165 3.01 8.35 -11.89
N ASN C 166 4.09 7.58 -11.99
CA ASN C 166 4.60 7.02 -13.27
C ASN C 166 3.60 6.30 -14.11
N ALA C 167 2.72 5.49 -13.51
CA ALA C 167 1.72 4.77 -14.33
C ALA C 167 0.51 5.63 -14.61
N LYS C 168 0.34 6.72 -13.89
CA LYS C 168 -0.97 7.42 -13.94
C LYS C 168 -0.84 8.81 -14.55
N GLY C 169 0.26 9.04 -15.26
CA GLY C 169 0.51 10.33 -15.99
C GLY C 169 0.98 11.48 -15.11
N GLY C 170 1.64 11.20 -13.98
CA GLY C 170 2.07 12.30 -13.15
C GLY C 170 3.54 12.48 -13.16
N ASP C 171 4.00 13.73 -13.11
CA ASP C 171 5.41 14.03 -12.74
C ASP C 171 5.61 13.85 -11.26
N GLU C 172 4.55 14.12 -10.50
CA GLU C 172 4.69 14.05 -9.04
C GLU C 172 3.46 13.38 -8.39
N ALA C 173 3.70 12.58 -7.38
CA ALA C 173 2.66 11.93 -6.59
C ALA C 173 2.31 12.86 -5.38
N ILE C 174 1.01 13.05 -5.09
CA ILE C 174 0.52 13.71 -3.86
C ILE C 174 -0.11 12.70 -2.89
N PHE C 175 0.44 12.63 -1.70
CA PHE C 175 -0.06 11.80 -0.64
C PHE C 175 -1.16 12.50 0.17
N LEU C 176 -2.13 11.70 0.63
CA LEU C 176 -2.99 12.05 1.76
C LEU C 176 -2.53 11.17 2.90
N ASP C 177 -2.96 11.50 4.10
CA ASP C 177 -2.70 10.65 5.25
C ASP C 177 -3.98 9.86 5.52
N HIS C 178 -3.96 9.11 6.59
CA HIS C 178 -5.07 8.25 6.98
C HIS C 178 -6.36 9.01 7.27
N ASN C 179 -6.27 10.26 7.75
CA ASN C 179 -7.47 11.07 8.05
C ASN C 179 -8.06 11.65 6.80
N GLY C 180 -7.42 11.49 5.65
CA GLY C 180 -7.91 12.21 4.46
C GLY C 180 -7.31 13.61 4.29
N TYR C 181 -6.36 14.01 5.18
CA TYR C 181 -5.69 15.30 5.00
C TYR C 181 -4.64 15.16 3.85
N ILE C 182 -4.51 16.19 3.02
CA ILE C 182 -3.38 16.33 2.18
C ILE C 182 -2.11 16.24 3.06
N SER C 183 -1.11 15.50 2.59
CA SER C 183 0.10 15.38 3.31
C SER C 183 1.20 16.19 2.61
N GLU C 184 1.71 15.67 1.50
CA GLU C 184 2.85 16.28 0.76
C GLU C 184 3.01 15.50 -0.55
N GLY C 185 3.92 15.98 -1.40
CA GLY C 185 4.41 15.18 -2.57
C GLY C 185 5.28 14.06 -2.08
N SER C 186 5.77 13.20 -2.99
CA SER C 186 6.58 12.00 -2.58
C SER C 186 7.93 12.45 -2.06
N GLY C 187 8.40 13.62 -2.49
CA GLY C 187 9.62 14.17 -1.92
C GLY C 187 9.61 15.66 -1.71
N ASP C 188 8.44 16.30 -1.75
CA ASP C 188 8.34 17.73 -1.60
C ASP C 188 7.12 18.11 -0.77
N ASN C 189 7.19 19.17 0.05
CA ASN C 189 6.01 19.78 0.65
C ASN C 189 5.02 20.43 -0.31
N ILE C 190 3.75 20.55 0.07
CA ILE C 190 2.78 21.20 -0.81
C ILE C 190 2.16 22.50 -0.24
N PHE C 191 1.90 23.47 -1.10
CA PHE C 191 1.23 24.69 -0.76
C PHE C 191 0.16 24.90 -1.78
N ILE C 192 -0.92 25.51 -1.33
CA ILE C 192 -1.92 25.96 -2.26
C ILE C 192 -2.16 27.45 -2.06
N VAL C 193 -2.84 28.07 -3.04
CA VAL C 193 -3.12 29.51 -3.05
C VAL C 193 -4.57 29.63 -3.50
N LYS C 194 -5.38 30.35 -2.72
CA LYS C 194 -6.78 30.46 -3.02
C LYS C 194 -7.25 31.85 -2.59
N ASN C 195 -7.78 32.60 -3.58
CA ASN C 195 -8.23 34.00 -3.44
C ASN C 195 -7.19 34.84 -2.66
N GLY C 196 -5.94 34.70 -3.06
CA GLY C 196 -4.84 35.44 -2.44
C GLY C 196 -4.34 34.94 -1.10
N THR C 197 -4.94 33.89 -0.54
CA THR C 197 -4.40 33.32 0.71
C THR C 197 -3.62 32.02 0.45
N ILE C 198 -2.50 31.87 1.14
CA ILE C 198 -1.68 30.65 0.99
C ILE C 198 -1.91 29.75 2.21
N THR C 199 -2.17 28.48 1.92
CA THR C 199 -2.24 27.43 2.95
C THR C 199 -1.26 26.29 2.68
N THR C 200 -0.64 25.77 3.74
CA THR C 200 0.15 24.58 3.59
C THR C 200 -0.20 23.68 4.78
N PRO C 201 -0.16 22.33 4.61
CA PRO C 201 -0.42 21.47 5.80
C PRO C 201 0.54 21.72 6.97
N PRO C 202 0.06 21.61 8.24
CA PRO C 202 1.05 21.56 9.34
C PRO C 202 2.03 20.39 9.04
N THR C 203 3.20 20.36 9.65
CA THR C 203 4.23 19.40 9.21
C THR C 203 4.09 17.99 9.81
N LEU C 204 3.27 17.88 10.86
CA LEU C 204 2.97 16.62 11.53
C LEU C 204 2.82 15.40 10.58
N ASN C 205 1.98 15.47 9.55
CA ASN C 205 1.76 14.24 8.74
C ASN C 205 2.69 14.22 7.50
N ASN C 206 3.68 15.11 7.47
CA ASN C 206 4.63 15.17 6.34
C ASN C 206 6.08 15.28 6.81
N LEU C 207 6.78 16.38 6.49
CA LEU C 207 8.17 16.48 6.89
C LEU C 207 8.47 17.96 7.07
N LYS C 208 9.31 18.33 8.03
CA LYS C 208 9.60 19.77 8.26
C LYS C 208 10.60 20.23 7.23
N GLY C 209 10.10 20.62 6.07
CA GLY C 209 10.98 20.91 4.95
C GLY C 209 11.74 22.17 5.24
N ILE C 210 13.01 22.19 4.85
CA ILE C 210 13.84 23.42 4.87
C ILE C 210 13.39 24.41 3.82
N THR C 211 12.95 23.90 2.65
CA THR C 211 12.56 24.77 1.61
C THR C 211 11.21 25.39 1.98
N ARG C 212 10.32 24.52 2.47
CA ARG C 212 9.03 24.96 3.03
C ARG C 212 9.20 26.15 4.10
N GLN C 213 10.09 25.98 5.07
CA GLN C 213 10.44 27.00 6.05
C GLN C 213 10.87 28.32 5.42
N VAL C 214 11.81 28.24 4.45
CA VAL C 214 12.26 29.44 3.75
C VAL C 214 11.10 30.08 3.05
N VAL C 215 10.29 29.28 2.35
CA VAL C 215 9.19 29.92 1.68
C VAL C 215 8.17 30.59 2.65
N ILE C 216 7.91 29.99 3.83
CA ILE C 216 7.07 30.63 4.86
C ILE C 216 7.64 32.00 5.26
N GLU C 217 8.95 32.08 5.48
CA GLU C 217 9.65 33.36 5.68
C GLU C 217 9.42 34.32 4.57
N LEU C 218 9.57 33.88 3.31
CA LEU C 218 9.31 34.79 2.16
C LEU C 218 7.89 35.27 2.08
N ILE C 219 6.94 34.37 2.35
CA ILE C 219 5.53 34.72 2.38
C ILE C 219 5.27 35.84 3.43
N ASN C 220 5.88 35.69 4.61
CA ASN C 220 5.75 36.66 5.69
C ASN C 220 6.43 37.99 5.40
N GLU C 221 7.61 37.96 4.75
CA GLU C 221 8.20 39.16 4.14
C GLU C 221 7.29 39.82 3.11
N LEU C 222 6.65 39.06 2.23
CA LEU C 222 5.74 39.70 1.29
C LEU C 222 4.38 40.06 1.91
N GLU C 223 4.17 39.77 3.19
CA GLU C 223 2.86 39.90 3.85
C GLU C 223 1.64 39.35 3.04
N ILE C 224 1.83 38.17 2.44
CA ILE C 224 0.70 37.47 1.81
C ILE C 224 -0.07 36.75 2.96
N PRO C 225 -1.41 36.87 3.03
CA PRO C 225 -2.11 36.07 4.02
C PRO C 225 -1.73 34.54 3.94
N PHE C 226 -1.42 33.96 5.11
CA PHE C 226 -0.86 32.64 5.21
C PHE C 226 -1.54 31.84 6.34
N ARG C 227 -1.85 30.57 6.07
CA ARG C 227 -2.21 29.63 7.15
C ARG C 227 -1.54 28.29 7.01
N GLU C 228 -1.29 27.71 8.15
CA GLU C 228 -0.80 26.37 8.26
C GLU C 228 -2.01 25.66 8.82
N ALA C 229 -2.67 24.83 7.98
CA ALA C 229 -3.96 24.26 8.32
C ALA C 229 -4.09 23.03 7.49
N ASN C 230 -4.75 22.02 8.07
CA ASN C 230 -5.08 20.84 7.31
C ASN C 230 -6.09 21.12 6.20
N ILE C 231 -5.86 20.51 5.06
CA ILE C 231 -6.69 20.71 3.90
C ILE C 231 -7.04 19.37 3.26
N GLY C 232 -7.99 19.38 2.35
CA GLY C 232 -8.36 18.07 1.73
C GLY C 232 -8.46 18.20 0.22
N LEU C 233 -8.99 17.17 -0.40
CA LEU C 233 -9.16 17.14 -1.87
C LEU C 233 -9.92 18.35 -2.39
N PHE C 234 -10.97 18.73 -1.65
CA PHE C 234 -11.78 19.85 -2.03
C PHE C 234 -10.87 21.10 -2.22
N ASP C 235 -9.93 21.29 -1.30
CA ASP C 235 -9.02 22.44 -1.37
C ASP C 235 -8.07 22.30 -2.59
N LEU C 236 -7.52 21.11 -2.83
CA LEU C 236 -6.62 20.87 -3.99
C LEU C 236 -7.33 21.13 -5.29
N TYR C 237 -8.53 20.57 -5.43
CA TYR C 237 -9.28 20.73 -6.67
C TYR C 237 -9.93 22.10 -6.89
N SER C 238 -9.89 23.02 -5.90
CA SER C 238 -10.47 24.35 -6.24
C SER C 238 -9.42 25.43 -6.05
N ALA C 239 -8.17 25.02 -5.78
CA ALA C 239 -7.07 26.00 -5.59
C ALA C 239 -6.85 26.91 -6.85
N ASP C 240 -6.50 28.18 -6.66
CA ASP C 240 -6.04 29.03 -7.81
C ASP C 240 -4.63 28.62 -8.25
N GLU C 241 -3.74 28.33 -7.30
CA GLU C 241 -2.39 27.87 -7.62
C GLU C 241 -2.01 26.74 -6.69
N ILE C 242 -1.06 25.92 -7.13
CA ILE C 242 -0.49 24.85 -6.32
C ILE C 242 1.01 24.84 -6.62
N PHE C 243 1.84 24.61 -5.58
CA PHE C 243 3.26 24.44 -5.84
C PHE C 243 3.83 23.49 -4.79
N VAL C 244 4.90 22.80 -5.13
CA VAL C 244 5.55 21.95 -4.17
C VAL C 244 6.95 22.52 -3.88
N THR C 245 7.58 22.09 -2.78
CA THR C 245 8.88 22.65 -2.44
C THR C 245 9.82 21.56 -1.95
N GLY C 246 11.11 21.69 -2.28
CA GLY C 246 12.13 20.78 -1.70
C GLY C 246 13.51 21.19 -2.21
N THR C 247 14.56 20.64 -1.62
CA THR C 247 15.89 21.07 -2.00
C THR C 247 16.16 20.94 -3.54
N ALA C 248 15.95 19.74 -4.08
CA ALA C 248 16.18 19.44 -5.52
C ALA C 248 15.19 20.25 -6.37
N ALA C 249 13.89 20.22 -6.03
CA ALA C 249 12.89 20.88 -6.91
C ALA C 249 12.91 22.39 -6.69
N GLU C 250 13.43 22.87 -5.55
CA GLU C 250 13.23 24.28 -5.18
C GLU C 250 11.72 24.57 -5.07
N ILE C 251 11.25 25.63 -5.70
CA ILE C 251 9.80 25.87 -5.83
C ILE C 251 9.29 25.45 -7.24
N ALA C 252 8.46 24.41 -7.28
CA ALA C 252 7.98 23.88 -8.56
C ALA C 252 6.48 24.11 -8.72
N PRO C 253 6.07 24.93 -9.70
CA PRO C 253 4.65 25.07 -9.88
C PRO C 253 3.98 23.75 -10.22
N VAL C 254 2.73 23.56 -9.79
CA VAL C 254 1.96 22.37 -10.15
C VAL C 254 0.78 22.91 -10.95
N THR C 255 0.76 22.63 -12.25
CA THR C 255 -0.17 23.30 -13.18
C THR C 255 -1.34 22.41 -13.52
N TYR C 256 -1.21 21.12 -13.20
CA TYR C 256 -2.32 20.15 -13.33
C TYR C 256 -2.42 19.22 -12.11
N ILE C 257 -3.63 18.92 -11.65
CA ILE C 257 -3.80 18.00 -10.53
C ILE C 257 -4.83 16.97 -11.00
N ASP C 258 -4.40 15.70 -11.05
CA ASP C 258 -5.27 14.63 -11.53
C ASP C 258 -5.91 15.00 -12.91
N GLY C 259 -5.11 15.55 -13.82
CA GLY C 259 -5.62 15.98 -15.14
C GLY C 259 -6.40 17.31 -15.14
N ARG C 260 -6.78 17.83 -13.97
CA ARG C 260 -7.52 19.09 -13.87
C ARG C 260 -6.53 20.26 -14.02
N THR C 261 -6.93 21.26 -14.79
CA THR C 261 -6.08 22.42 -14.98
C THR C 261 -6.13 23.28 -13.71
N VAL C 262 -4.99 23.71 -13.21
CA VAL C 262 -4.97 24.60 -12.04
C VAL C 262 -4.89 26.03 -12.63
N GLY C 263 -5.90 26.86 -12.37
CA GLY C 263 -5.98 28.19 -13.04
C GLY C 263 -6.00 28.06 -14.55
N ASN C 264 -5.06 28.69 -15.20
CA ASN C 264 -4.95 28.64 -16.64
C ASN C 264 -3.88 27.66 -17.10
N GLY C 265 -3.30 26.89 -16.19
CA GLY C 265 -2.38 25.87 -16.62
C GLY C 265 -0.97 26.35 -16.71
N LYS C 266 -0.72 27.58 -16.25
CA LYS C 266 0.61 28.15 -16.28
C LYS C 266 0.98 28.49 -14.84
N PRO C 267 2.27 28.57 -14.50
CA PRO C 267 2.58 28.97 -13.11
C PRO C 267 1.81 30.25 -12.69
N GLY C 268 1.27 30.31 -11.45
CA GLY C 268 0.43 31.48 -11.04
C GLY C 268 1.30 32.64 -10.51
N LYS C 269 0.67 33.80 -10.30
CA LYS C 269 1.37 35.01 -9.92
C LYS C 269 2.11 34.87 -8.63
N VAL C 270 1.46 34.26 -7.65
CA VAL C 270 2.02 34.20 -6.30
C VAL C 270 3.20 33.22 -6.34
N THR C 271 3.02 32.10 -7.02
CA THR C 271 4.13 31.12 -7.17
C THR C 271 5.34 31.78 -7.75
N LYS C 272 5.13 32.50 -8.85
CA LYS C 272 6.25 33.20 -9.54
C LYS C 272 6.97 34.24 -8.68
N MET C 273 6.22 35.09 -7.93
CA MET C 273 6.83 36.00 -6.94
C MET C 273 7.69 35.26 -5.95
N LEU C 274 7.18 34.13 -5.41
CA LEU C 274 7.94 33.33 -4.42
C LEU C 274 9.15 32.74 -5.09
N MET C 275 8.99 32.32 -6.34
CA MET C 275 10.16 31.68 -7.03
C MET C 275 11.29 32.71 -7.21
N GLU C 276 10.97 33.94 -7.57
CA GLU C 276 12.05 34.89 -7.71
C GLU C 276 12.62 35.37 -6.34
N LYS C 277 11.81 35.50 -5.29
CA LYS C 277 12.38 35.84 -3.94
C LYS C 277 13.23 34.69 -3.47
N PHE C 278 12.82 33.47 -3.79
CA PHE C 278 13.62 32.33 -3.36
C PHE C 278 14.96 32.29 -4.12
N ARG C 279 14.95 32.61 -5.39
CA ARG C 279 16.23 32.71 -6.13
C ARG C 279 17.28 33.71 -5.51
N GLU C 280 16.82 34.91 -5.15
CA GLU C 280 17.71 35.91 -4.51
C GLU C 280 18.36 35.33 -3.29
N ARG C 281 17.53 34.66 -2.50
CA ARG C 281 17.97 34.08 -1.26
C ARG C 281 19.07 33.07 -1.52
N THR C 282 18.90 32.18 -2.50
CA THR C 282 19.96 31.16 -2.81
C THR C 282 21.26 31.85 -3.38
N GLU C 283 21.10 32.98 -4.04
CA GLU C 283 22.26 33.84 -4.44
C GLU C 283 23.02 34.52 -3.29
N ASN C 284 22.31 34.96 -2.25
CA ASN C 284 22.89 35.86 -1.29
C ASN C 284 23.21 35.31 0.08
N GLU C 285 22.94 34.04 0.35
CA GLU C 285 23.11 33.51 1.69
C GLU C 285 23.54 32.10 1.54
N GLY C 286 24.51 31.71 2.32
CA GLY C 286 24.90 30.32 2.41
C GLY C 286 26.27 30.36 3.04
N VAL C 287 26.88 29.18 3.18
CA VAL C 287 28.15 29.00 3.86
C VAL C 287 29.15 28.83 2.72
N GLU C 288 30.21 29.67 2.65
CA GLU C 288 31.10 29.68 1.48
C GLU C 288 31.99 28.46 1.56
N ILE C 289 32.09 27.70 0.46
CA ILE C 289 32.96 26.47 0.43
C ILE C 289 34.46 26.78 0.46
N TYR C 290 34.84 27.81 -0.27
CA TYR C 290 36.29 28.14 -0.54
C TYR C 290 36.66 29.39 0.26
N ARG C 291 36.79 29.23 1.58
CA ARG C 291 36.94 30.37 2.52
C ARG C 291 37.36 29.83 3.85
N1 PLP D . 7.14 -11.15 10.66
C2 PLP D . 7.98 -10.31 10.03
C2A PLP D . 7.83 -8.81 10.22
C3 PLP D . 9.04 -10.85 9.14
O3 PLP D . 9.88 -10.01 8.48
C4 PLP D . 9.13 -12.34 9.00
C4A PLP D . 10.16 -13.00 8.07
C5 PLP D . 8.16 -13.12 9.82
C6 PLP D . 7.18 -12.47 10.59
C5A PLP D . 8.14 -14.63 9.84
O4P PLP D . 8.10 -15.17 8.54
P PLP D . 8.60 -16.70 8.33
O1P PLP D . 10.04 -16.59 8.77
O2P PLP D . 7.93 -17.54 9.35
O3P PLP D . 8.23 -16.82 6.88
C1 AKG E . 13.41 -14.59 9.73
O1 AKG E . 14.31 -15.17 9.08
O2 AKG E . 12.66 -15.17 10.56
C2 AKG E . 13.27 -13.15 9.46
O5 AKG E . 13.81 -12.76 8.43
C3 AKG E . 12.55 -12.21 10.43
C4 AKG E . 12.92 -10.73 10.31
C5 AKG E . 14.43 -10.39 10.45
O3 AKG E . 14.77 -9.31 9.93
O4 AKG E . 15.27 -11.11 11.06
N1 PLP F . -21.10 -1.97 -6.87
C2 PLP F . -21.84 -0.82 -6.95
C2A PLP F . -21.30 0.46 -6.36
C3 PLP F . -23.17 -0.86 -7.60
O3 PLP F . -23.91 0.26 -7.64
C4 PLP F . -23.68 -2.17 -8.13
C4A PLP F . -25.06 -2.33 -8.76
C5 PLP F . -22.71 -3.31 -8.03
C6 PLP F . -21.47 -3.17 -7.39
C5A PLP F . -22.98 -4.69 -8.58
O4P PLP F . -24.22 -5.20 -8.28
P PLP F . -24.87 -6.22 -9.36
O1P PLP F . -25.20 -5.48 -10.62
O2P PLP F . -23.93 -7.39 -9.46
O3P PLP F . -26.06 -6.55 -8.50
N1 PLP G . 9.24 15.48 1.75
C2 PLP G . 9.92 14.35 1.86
C2A PLP G . 9.20 13.04 1.95
C3 PLP G . 11.44 14.44 1.84
O3 PLP G . 12.13 13.29 1.93
C4 PLP G . 12.13 15.78 1.79
C4A PLP G . 13.64 15.96 1.79
C5 PLP G . 11.20 16.95 1.68
C6 PLP G . 9.81 16.73 1.66
C5A PLP G . 11.68 18.39 1.46
O4P PLP G . 12.66 18.83 2.36
P PLP G . 13.69 19.98 2.02
O1P PLP G . 14.32 20.04 3.39
O2P PLP G . 12.86 21.17 1.54
O3P PLP G . 14.66 19.44 0.98
#